data_4KP7
#
_entry.id   4KP7
#
_cell.length_a   51.460
_cell.length_b   78.120
_cell.length_c   99.990
_cell.angle_alpha   90.00
_cell.angle_beta   91.53
_cell.angle_gamma   90.00
#
_symmetry.space_group_name_H-M   'P 1 21 1'
#
loop_
_entity.id
_entity.type
_entity.pdbx_description
1 polymer '1-deoxy-D-xylulose 5-phosphate reductoisomerase, apicoplast'
2 non-polymer 'MANGANESE (III) ION'
3 non-polymer 'NADP NICOTINAMIDE-ADENINE-DINUCLEOTIDE PHOSPHATE'
4 non-polymer '[(S)-({2-[hydroxy(methyl)amino]-2-oxoethyl}sulfanyl)(phenyl)methyl]phosphonic acid'
5 water water
#
_entity_poly.entity_id   1
_entity_poly.type   'polypeptide(L)'
_entity_poly.pdbx_seq_one_letter_code
;MRGSHHHHHHGSIKKPINVAIFGSTGSIGTNALNIIRECNKIENVFNVKALYVNKSVNELYEQAREFLPEYLCIHDKSVY
EELKELVKNIKDYKPIILCGDEGMKEICSSNSIDKIVIGIDSFQGLYSTMYAIMNNKIVALANKESIVSAGFFLKKLLNI
HKNAKIIPVDSEHSAIFQCLDNNKVLKTKCLQDNFSKINNINKIFLCSSGGPFQNLTMDELKNVTSENALKHPKWKMGKK
ITIDSATMMNKGLEVIETHFLFDVDYNDIEVIVHKECIIHSCVEFIDKSVISQMYYPDMQIPILYSLTWPDRIKTNLKPL
DLAQVSTLTFHKPSLEHFPCIKLAYQAGIKGNFYPTVLNASNEIANNLFLNNKIKYFDISSIISQVLESFNSQKVSENSE
DLMKQILQIHSWAKDKATDIYNKHNSS
;
_entity_poly.pdbx_strand_id   A,B
#
loop_
_chem_comp.id
_chem_comp.type
_chem_comp.name
_chem_comp.formula
1UQ non-polymer '[(S)-({2-[hydroxy(methyl)amino]-2-oxoethyl}sulfanyl)(phenyl)methyl]phosphonic acid' 'C10 H14 N O5 P S'
MN3 non-polymer 'MANGANESE (III) ION' 'Mn 3'
NAP non-polymer 'NADP NICOTINAMIDE-ADENINE-DINUCLEOTIDE PHOSPHATE' 'C21 H28 N7 O17 P3'
#
# COMPACT_ATOMS: atom_id res chain seq x y z
N PRO A 16 3.16 26.74 -0.51
CA PRO A 16 1.79 27.13 -0.89
C PRO A 16 1.41 26.64 -2.31
N ILE A 17 0.31 25.91 -2.41
CA ILE A 17 -0.08 25.27 -3.68
C ILE A 17 -1.19 26.02 -4.42
N ASN A 18 -0.89 26.54 -5.60
CA ASN A 18 -1.83 27.38 -6.35
C ASN A 18 -2.68 26.55 -7.30
N VAL A 19 -3.99 26.52 -7.06
CA VAL A 19 -4.87 25.57 -7.74
C VAL A 19 -5.95 26.23 -8.59
N ALA A 20 -6.24 25.64 -9.74
CA ALA A 20 -7.44 25.97 -10.53
C ALA A 20 -8.40 24.78 -10.58
N ILE A 21 -9.69 25.05 -10.42
CA ILE A 21 -10.67 23.98 -10.46
C ILE A 21 -11.54 24.15 -11.70
N PHE A 22 -11.50 23.15 -12.57
CA PHE A 22 -12.26 23.17 -13.82
C PHE A 22 -13.47 22.27 -13.65
N GLY A 23 -14.66 22.84 -13.76
CA GLY A 23 -15.90 22.13 -13.44
C GLY A 23 -16.13 22.11 -11.95
N SER A 24 -16.07 23.29 -11.35
CA SER A 24 -16.06 23.43 -9.90
C SER A 24 -17.42 23.16 -9.25
N THR A 25 -18.51 23.34 -10.00
CA THR A 25 -19.87 23.15 -9.47
C THR A 25 -20.34 21.68 -9.60
N GLY A 26 -19.58 20.86 -10.30
CA GLY A 26 -19.92 19.45 -10.41
C GLY A 26 -19.62 18.63 -9.15
N SER A 27 -19.84 17.31 -9.25
CA SER A 27 -19.53 16.36 -8.17
C SER A 27 -18.02 16.39 -7.77
N ILE A 28 -17.11 16.21 -8.73
CA ILE A 28 -15.66 16.34 -8.46
C ILE A 28 -15.26 17.73 -7.93
N GLY A 29 -15.72 18.79 -8.61
CA GLY A 29 -15.43 20.17 -8.23
C GLY A 29 -15.81 20.50 -6.80
N THR A 30 -17.00 20.08 -6.39
CA THR A 30 -17.51 20.34 -5.04
C THR A 30 -16.67 19.59 -4.00
N ASN A 31 -16.34 18.32 -4.32
CA ASN A 31 -15.51 17.54 -3.43
C ASN A 31 -14.08 18.07 -3.32
N ALA A 32 -13.58 18.64 -4.40
CA ALA A 32 -12.27 19.29 -4.44
C ALA A 32 -12.24 20.51 -3.51
N LEU A 33 -13.24 21.39 -3.65
CA LEU A 33 -13.34 22.55 -2.77
C LEU A 33 -13.60 22.17 -1.30
N ASN A 34 -14.28 21.05 -1.08
CA ASN A 34 -14.52 20.57 0.27
C ASN A 34 -13.24 20.19 1.00
N ILE A 35 -12.39 19.42 0.33
CA ILE A 35 -11.15 18.99 0.94
C ILE A 35 -10.12 20.12 1.05
N ILE A 36 -10.12 21.05 0.08
CA ILE A 36 -9.30 22.27 0.19
C ILE A 36 -9.70 23.12 1.39
N ARG A 37 -11.02 23.31 1.57
CA ARG A 37 -11.54 24.09 2.69
C ARG A 37 -11.11 23.49 4.01
N GLU A 38 -11.30 22.18 4.14
CA GLU A 38 -10.96 21.46 5.35
C GLU A 38 -9.47 21.52 5.65
N CYS A 39 -8.64 21.23 4.64
CA CYS A 39 -7.19 21.31 4.81
C CYS A 39 -6.70 22.70 5.18
N ASN A 40 -7.32 23.73 4.61
CA ASN A 40 -6.98 25.12 4.93
C ASN A 40 -7.30 25.57 6.36
N LYS A 41 -8.19 24.85 7.03
CA LYS A 41 -8.46 25.08 8.45
C LYS A 41 -7.33 24.61 9.39
N ILE A 42 -6.55 23.65 8.93
CA ILE A 42 -5.40 23.14 9.66
C ILE A 42 -4.17 24.04 9.41
N GLU A 43 -3.91 24.36 8.15
CA GLU A 43 -2.79 25.22 7.74
C GLU A 43 -3.07 25.79 6.35
N ASN A 44 -2.56 26.98 6.06
CA ASN A 44 -2.79 27.57 4.74
C ASN A 44 -1.88 26.93 3.68
N VAL A 45 -2.37 25.87 3.07
CA VAL A 45 -1.58 25.06 2.11
C VAL A 45 -2.06 25.28 0.67
N PHE A 46 -3.36 25.58 0.51
CA PHE A 46 -3.96 25.79 -0.81
C PHE A 46 -4.47 27.21 -1.07
N ASN A 47 -4.20 27.70 -2.27
CA ASN A 47 -4.78 28.94 -2.77
C ASN A 47 -5.60 28.66 -4.00
N VAL A 48 -6.90 28.94 -3.95
CA VAL A 48 -7.77 28.72 -5.12
C VAL A 48 -7.71 29.90 -6.08
N LYS A 49 -7.04 29.69 -7.21
CA LYS A 49 -6.67 30.78 -8.09
C LYS A 49 -7.69 31.04 -9.21
N ALA A 50 -8.43 29.99 -9.58
CA ALA A 50 -9.37 30.03 -10.69
C ALA A 50 -10.49 29.01 -10.56
N LEU A 51 -11.69 29.43 -10.93
CA LEU A 51 -12.82 28.52 -11.02
C LEU A 51 -13.48 28.61 -12.40
N TYR A 52 -13.83 27.45 -12.94
CA TYR A 52 -14.38 27.35 -14.29
C TYR A 52 -15.58 26.40 -14.33
N VAL A 53 -16.69 26.89 -14.88
CA VAL A 53 -17.91 26.08 -15.05
C VAL A 53 -18.52 26.26 -16.44
N ASN A 54 -19.63 25.57 -16.70
CA ASN A 54 -20.36 25.66 -17.97
C ASN A 54 -21.43 26.76 -17.95
N LYS A 55 -22.54 26.52 -17.24
CA LYS A 55 -23.60 27.54 -17.11
C LYS A 55 -24.12 27.84 -15.69
N SER A 56 -23.64 27.10 -14.69
CA SER A 56 -24.07 27.32 -13.29
C SER A 56 -23.50 28.60 -12.67
N VAL A 57 -24.13 29.74 -13.01
CA VAL A 57 -23.65 31.06 -12.59
C VAL A 57 -23.84 31.26 -11.09
N ASN A 58 -25.04 30.93 -10.61
CA ASN A 58 -25.41 31.14 -9.21
C ASN A 58 -24.53 30.37 -8.24
N GLU A 59 -24.22 29.12 -8.59
CA GLU A 59 -23.34 28.26 -7.79
C GLU A 59 -21.89 28.73 -7.82
N LEU A 60 -21.48 29.30 -8.95
CA LEU A 60 -20.13 29.87 -9.09
C LEU A 60 -19.95 31.14 -8.24
N TYR A 61 -20.97 32.00 -8.22
CA TYR A 61 -21.00 33.23 -7.40
C TYR A 61 -20.80 32.87 -5.94
N GLU A 62 -21.50 31.82 -5.52
CA GLU A 62 -21.43 31.33 -4.15
C GLU A 62 -20.06 30.81 -3.79
N GLN A 63 -19.42 30.15 -4.75
CA GLN A 63 -18.06 29.65 -4.56
C GLN A 63 -17.03 30.77 -4.54
N ALA A 64 -17.21 31.78 -5.41
CA ALA A 64 -16.34 32.96 -5.49
C ALA A 64 -16.35 33.80 -4.20
N ARG A 65 -17.45 33.71 -3.47
CA ARG A 65 -17.63 34.40 -2.20
C ARG A 65 -16.61 33.89 -1.20
N GLU A 66 -16.55 32.58 -1.06
CA GLU A 66 -15.75 31.90 -0.06
C GLU A 66 -14.25 31.91 -0.41
N PHE A 67 -13.92 31.53 -1.64
CA PHE A 67 -12.52 31.32 -2.03
C PHE A 67 -11.81 32.50 -2.70
N LEU A 68 -12.61 33.46 -3.18
CA LEU A 68 -12.10 34.69 -3.82
C LEU A 68 -10.95 34.41 -4.80
N PRO A 69 -11.21 33.63 -5.86
CA PRO A 69 -10.17 33.33 -6.84
C PRO A 69 -9.81 34.53 -7.73
N GLU A 70 -8.57 34.57 -8.20
CA GLU A 70 -8.10 35.64 -9.09
C GLU A 70 -8.86 35.59 -10.42
N TYR A 71 -9.18 34.38 -10.87
CA TYR A 71 -9.88 34.18 -12.14
C TYR A 71 -11.24 33.47 -11.99
N LEU A 72 -12.26 34.02 -12.64
CA LEU A 72 -13.54 33.34 -12.81
C LEU A 72 -13.80 33.11 -14.28
N CYS A 73 -14.21 31.91 -14.65
CA CYS A 73 -14.52 31.63 -16.07
C CYS A 73 -15.78 30.81 -16.29
N ILE A 74 -16.58 31.21 -17.27
CA ILE A 74 -17.75 30.43 -17.66
C ILE A 74 -17.76 30.18 -19.17
N HIS A 75 -18.19 28.98 -19.57
CA HIS A 75 -18.16 28.63 -20.98
C HIS A 75 -19.26 29.28 -21.76
N ASP A 76 -20.47 29.24 -21.22
CA ASP A 76 -21.62 29.83 -21.89
C ASP A 76 -21.58 31.35 -21.86
N LYS A 77 -21.40 31.95 -23.02
CA LYS A 77 -21.25 33.41 -23.13
C LYS A 77 -22.55 34.17 -22.85
N SER A 78 -23.68 33.48 -22.93
CA SER A 78 -24.99 34.14 -22.77
C SER A 78 -25.30 34.49 -21.32
N VAL A 79 -24.57 33.88 -20.40
CA VAL A 79 -24.70 34.18 -18.97
C VAL A 79 -23.48 34.93 -18.40
N TYR A 80 -22.68 35.51 -19.29
CA TYR A 80 -21.49 36.29 -18.96
C TYR A 80 -21.86 37.60 -18.26
N GLU A 81 -22.98 38.20 -18.68
CA GLU A 81 -23.45 39.48 -18.11
C GLU A 81 -24.02 39.29 -16.71
N GLU A 82 -24.71 38.17 -16.51
CA GLU A 82 -25.32 37.83 -15.22
C GLU A 82 -24.27 37.63 -14.13
N LEU A 83 -23.13 37.04 -14.49
CA LEU A 83 -22.04 36.83 -13.54
C LEU A 83 -21.36 38.13 -13.13
N LYS A 84 -21.20 39.04 -14.08
CA LYS A 84 -20.60 40.36 -13.85
C LYS A 84 -21.35 41.15 -12.77
N GLU A 85 -22.68 41.04 -12.81
CA GLU A 85 -23.55 41.80 -11.92
C GLU A 85 -23.51 41.24 -10.48
N LEU A 86 -23.39 39.92 -10.40
CA LEU A 86 -23.36 39.20 -9.13
C LEU A 86 -22.04 39.35 -8.37
N VAL A 87 -20.95 39.37 -9.08
CA VAL A 87 -19.71 39.47 -8.41
C VAL A 87 -19.69 40.78 -7.65
N LYS A 88 -20.59 41.67 -8.05
CA LYS A 88 -20.76 42.95 -7.40
C LYS A 88 -21.20 42.80 -5.93
N ASN A 89 -22.05 41.82 -5.65
CA ASN A 89 -22.53 41.63 -4.30
C ASN A 89 -21.40 41.30 -3.40
N ILE A 90 -20.31 40.80 -3.98
CA ILE A 90 -19.18 40.37 -3.22
C ILE A 90 -18.20 41.50 -3.23
N LYS A 91 -17.77 41.89 -2.05
CA LYS A 91 -17.02 43.11 -1.85
C LYS A 91 -15.56 42.86 -1.58
N ASP A 92 -14.74 43.82 -1.89
CA ASP A 92 -13.30 43.70 -1.86
C ASP A 92 -12.84 42.54 -2.71
N TYR A 93 -13.44 42.42 -3.87
CA TYR A 93 -13.11 41.37 -4.83
C TYR A 93 -13.27 41.91 -6.25
N LYS A 94 -12.16 42.15 -6.94
CA LYS A 94 -12.16 42.38 -8.38
C LYS A 94 -11.23 41.46 -9.13
N PRO A 95 -11.85 40.38 -9.49
CA PRO A 95 -11.31 39.23 -10.22
C PRO A 95 -11.24 39.48 -11.72
N ILE A 96 -10.44 38.67 -12.41
CA ILE A 96 -10.38 38.72 -13.86
C ILE A 96 -11.42 37.72 -14.38
N ILE A 97 -12.54 38.27 -14.87
CA ILE A 97 -13.66 37.47 -15.33
C ILE A 97 -13.54 37.15 -16.82
N LEU A 98 -13.50 35.85 -17.15
CA LEU A 98 -13.26 35.42 -18.54
C LEU A 98 -14.37 34.50 -19.06
N CYS A 99 -14.33 34.17 -20.35
CA CYS A 99 -15.36 33.31 -20.95
C CYS A 99 -14.89 32.38 -22.07
N GLY A 100 -15.58 31.25 -22.19
CA GLY A 100 -15.35 30.28 -23.27
C GLY A 100 -13.98 29.62 -23.31
N ASP A 101 -13.57 29.20 -24.50
CA ASP A 101 -12.27 28.55 -24.71
C ASP A 101 -11.10 29.49 -24.51
N GLU A 102 -11.25 30.76 -24.90
CA GLU A 102 -10.21 31.80 -24.73
C GLU A 102 -9.86 31.95 -23.26
N GLY A 103 -10.89 32.00 -22.42
CA GLY A 103 -10.71 32.21 -20.99
C GLY A 103 -10.04 31.01 -20.36
N MET A 104 -10.45 29.84 -20.85
CA MET A 104 -9.86 28.57 -20.46
C MET A 104 -8.35 28.57 -20.74
N LYS A 105 -7.98 29.00 -21.94
CA LYS A 105 -6.57 29.08 -22.32
C LYS A 105 -5.76 30.07 -21.50
N GLU A 106 -6.35 31.22 -21.16
CA GLU A 106 -5.65 32.24 -20.37
C GLU A 106 -5.35 31.76 -18.94
N ILE A 107 -6.29 31.02 -18.37
CA ILE A 107 -6.10 30.42 -17.05
C ILE A 107 -4.95 29.38 -17.04
N CYS A 108 -4.93 28.54 -18.08
CA CYS A 108 -3.89 27.51 -18.21
C CYS A 108 -2.51 28.12 -18.46
N SER A 109 -2.44 29.28 -19.11
CA SER A 109 -1.12 29.90 -19.38
C SER A 109 -0.61 30.80 -18.25
N SER A 110 -1.46 31.08 -17.26
CA SER A 110 -1.05 31.89 -16.12
C SER A 110 0.12 31.26 -15.35
N ASN A 111 1.10 32.08 -14.97
CA ASN A 111 2.23 31.63 -14.17
C ASN A 111 1.90 31.50 -12.69
N SER A 112 0.74 32.00 -12.30
CA SER A 112 0.32 31.97 -10.89
C SER A 112 -0.43 30.68 -10.54
N ILE A 113 -0.47 29.73 -11.46
CA ILE A 113 -1.20 28.49 -11.26
C ILE A 113 -0.30 27.29 -11.49
N ASP A 114 -0.21 26.39 -10.52
CA ASP A 114 0.66 25.23 -10.64
C ASP A 114 -0.09 23.93 -10.98
N LYS A 115 -1.28 23.75 -10.41
CA LYS A 115 -2.01 22.49 -10.53
C LYS A 115 -3.44 22.73 -11.00
N ILE A 116 -3.90 21.94 -11.96
CA ILE A 116 -5.26 22.08 -12.47
C ILE A 116 -6.10 20.81 -12.24
N VAL A 117 -7.20 20.96 -11.52
CA VAL A 117 -8.12 19.84 -11.33
C VAL A 117 -9.12 19.87 -12.47
N ILE A 118 -9.17 18.78 -13.23
CA ILE A 118 -10.11 18.66 -14.36
C ILE A 118 -11.30 17.80 -13.95
N GLY A 119 -12.42 18.46 -13.69
CA GLY A 119 -13.62 17.76 -13.25
C GLY A 119 -14.77 17.91 -14.24
N ILE A 120 -14.42 18.32 -15.47
CA ILE A 120 -15.36 18.40 -16.59
C ILE A 120 -15.71 16.98 -17.06
N ASP A 121 -17.00 16.71 -17.19
CA ASP A 121 -17.43 15.37 -17.58
C ASP A 121 -17.37 15.14 -19.09
N SER A 122 -17.38 13.86 -19.46
CA SER A 122 -17.46 13.38 -20.84
C SER A 122 -16.22 13.67 -21.69
N PHE A 123 -16.36 13.48 -23.00
CA PHE A 123 -15.30 13.74 -23.96
C PHE A 123 -14.85 15.20 -23.96
N GLN A 124 -15.78 16.09 -23.63
CA GLN A 124 -15.54 17.52 -23.57
C GLN A 124 -14.30 17.94 -22.75
N GLY A 125 -14.00 17.20 -21.68
CA GLY A 125 -12.89 17.52 -20.78
C GLY A 125 -11.51 17.49 -21.41
N LEU A 126 -11.43 17.00 -22.64
CA LEU A 126 -10.14 16.81 -23.31
C LEU A 126 -9.44 18.12 -23.68
N TYR A 127 -10.23 19.14 -24.06
CA TYR A 127 -9.71 20.45 -24.43
C TYR A 127 -8.92 21.11 -23.31
N SER A 128 -9.49 21.12 -22.11
CA SER A 128 -8.82 21.76 -20.98
C SER A 128 -7.57 20.95 -20.58
N THR A 129 -7.67 19.63 -20.71
CA THR A 129 -6.58 18.72 -20.40
C THR A 129 -5.35 19.00 -21.27
N MET A 130 -5.56 19.15 -22.58
CA MET A 130 -4.45 19.44 -23.49
C MET A 130 -3.78 20.79 -23.25
N TYR A 131 -4.57 21.84 -23.03
CA TYR A 131 -4.01 23.16 -22.77
C TYR A 131 -3.25 23.25 -21.45
N ALA A 132 -3.74 22.50 -20.45
CA ALA A 132 -3.03 22.33 -19.19
C ALA A 132 -1.66 21.68 -19.41
N ILE A 133 -1.63 20.61 -20.21
CA ILE A 133 -0.38 19.93 -20.58
C ILE A 133 0.55 20.85 -21.39
N MET A 134 0.00 21.53 -22.38
CA MET A 134 0.78 22.46 -23.23
C MET A 134 1.48 23.55 -22.44
N ASN A 135 0.91 23.89 -21.29
CA ASN A 135 1.51 24.89 -20.42
C ASN A 135 2.32 24.29 -19.25
N ASN A 136 2.67 23.01 -19.39
CA ASN A 136 3.56 22.29 -18.45
C ASN A 136 3.04 22.31 -17.01
N LYS A 137 1.74 22.10 -16.85
CA LYS A 137 1.16 22.07 -15.51
C LYS A 137 0.98 20.65 -14.94
N ILE A 138 0.74 20.59 -13.63
CA ILE A 138 0.32 19.34 -13.03
C ILE A 138 -1.18 19.30 -13.28
N VAL A 139 -1.62 18.22 -13.91
CA VAL A 139 -3.02 18.03 -14.22
C VAL A 139 -3.60 16.93 -13.36
N ALA A 140 -4.49 17.30 -12.45
CA ALA A 140 -5.25 16.35 -11.65
C ALA A 140 -6.50 15.96 -12.43
N LEU A 141 -6.41 14.81 -13.09
CA LEU A 141 -7.40 14.45 -14.10
C LEU A 141 -8.38 13.43 -13.54
N ALA A 142 -9.64 13.85 -13.42
CA ALA A 142 -10.69 12.91 -12.99
C ALA A 142 -11.41 12.34 -14.20
N ASN A 143 -11.48 13.14 -15.27
CA ASN A 143 -12.11 12.76 -16.53
C ASN A 143 -11.45 11.53 -17.21
N LYS A 144 -12.06 10.36 -17.04
CA LYS A 144 -11.56 9.13 -17.65
C LYS A 144 -11.81 9.07 -19.17
N GLU A 145 -12.87 9.73 -19.64
CA GLU A 145 -13.23 9.74 -21.06
C GLU A 145 -12.08 10.25 -21.93
N SER A 146 -11.37 11.26 -21.46
CA SER A 146 -10.26 11.83 -22.24
C SER A 146 -9.10 10.83 -22.38
N ILE A 147 -8.82 10.06 -21.33
CA ILE A 147 -7.75 9.06 -21.37
C ILE A 147 -8.14 7.88 -22.29
N VAL A 148 -9.42 7.50 -22.25
CA VAL A 148 -9.90 6.37 -23.07
C VAL A 148 -9.97 6.74 -24.56
N SER A 149 -10.50 7.91 -24.89
CA SER A 149 -10.59 8.29 -26.30
C SER A 149 -9.28 8.79 -26.88
N ALA A 150 -8.44 9.40 -26.04
CA ALA A 150 -7.26 10.09 -26.55
C ALA A 150 -5.95 9.75 -25.84
N GLY A 151 -5.86 8.52 -25.32
CA GLY A 151 -4.66 8.07 -24.61
C GLY A 151 -3.36 8.26 -25.37
N PHE A 152 -3.39 7.87 -26.65
CA PHE A 152 -2.27 8.01 -27.56
C PHE A 152 -1.84 9.45 -27.71
N PHE A 153 -2.82 10.33 -27.92
CA PHE A 153 -2.62 11.77 -28.06
C PHE A 153 -1.97 12.35 -26.82
N LEU A 154 -2.48 11.97 -25.65
CA LEU A 154 -2.00 12.52 -24.39
C LEU A 154 -0.57 12.07 -24.11
N LYS A 155 -0.26 10.84 -24.51
CA LYS A 155 1.07 10.26 -24.37
C LYS A 155 2.08 11.01 -25.26
N LYS A 156 1.63 11.34 -26.47
CA LYS A 156 2.43 12.10 -27.41
C LYS A 156 2.65 13.53 -26.90
N LEU A 157 1.61 14.11 -26.32
CA LEU A 157 1.66 15.49 -25.84
C LEU A 157 2.57 15.63 -24.61
N LEU A 158 2.52 14.63 -23.73
CA LEU A 158 3.35 14.59 -22.52
C LEU A 158 4.81 14.38 -22.86
N ASN A 159 5.06 13.83 -24.04
CA ASN A 159 6.40 13.62 -24.55
C ASN A 159 7.00 14.92 -25.07
N ILE A 160 6.13 15.79 -25.57
CA ILE A 160 6.54 17.11 -26.05
C ILE A 160 6.73 18.07 -24.88
N HIS A 161 5.74 18.12 -23.99
CA HIS A 161 5.79 19.01 -22.85
C HIS A 161 6.28 18.28 -21.63
N LYS A 162 7.62 18.21 -21.53
CA LYS A 162 8.28 17.32 -20.59
C LYS A 162 8.05 17.61 -19.11
N ASN A 163 7.67 18.85 -18.78
CA ASN A 163 7.42 19.22 -17.38
C ASN A 163 5.97 19.02 -16.93
N ALA A 164 5.08 18.78 -17.89
CA ALA A 164 3.68 18.47 -17.60
C ALA A 164 3.54 17.07 -17.02
N LYS A 165 2.56 16.89 -16.15
CA LYS A 165 2.29 15.58 -15.53
C LYS A 165 0.79 15.43 -15.38
N ILE A 166 0.28 14.24 -15.68
CA ILE A 166 -1.08 13.89 -15.31
C ILE A 166 -1.00 13.05 -14.04
N ILE A 167 -1.72 13.49 -12.99
CA ILE A 167 -1.90 12.70 -11.78
C ILE A 167 -3.34 12.19 -11.71
N PRO A 168 -3.53 10.87 -11.59
CA PRO A 168 -4.87 10.30 -11.67
C PRO A 168 -5.72 10.68 -10.46
N VAL A 169 -7.00 10.98 -10.71
CA VAL A 169 -7.95 11.33 -9.64
C VAL A 169 -9.04 10.28 -9.45
N ASP A 170 -9.41 9.61 -10.54
CA ASP A 170 -10.34 8.49 -10.47
C ASP A 170 -9.87 7.56 -9.33
N SER A 171 -10.77 7.24 -8.40
CA SER A 171 -10.38 6.61 -7.11
C SER A 171 -9.50 5.35 -7.22
N GLU A 172 -9.81 4.50 -8.19
CA GLU A 172 -9.09 3.24 -8.33
C GLU A 172 -7.67 3.52 -8.85
N HIS A 173 -7.53 4.53 -9.72
CA HIS A 173 -6.24 4.84 -10.30
C HIS A 173 -5.41 5.63 -9.35
N SER A 174 -6.06 6.47 -8.55
CA SER A 174 -5.39 7.10 -7.42
C SER A 174 -4.86 6.05 -6.43
N ALA A 175 -5.65 5.02 -6.19
CA ALA A 175 -5.25 3.98 -5.24
C ALA A 175 -3.99 3.27 -5.75
N ILE A 176 -4.02 2.92 -7.03
CA ILE A 176 -2.87 2.27 -7.69
C ILE A 176 -1.64 3.17 -7.53
N PHE A 177 -1.83 4.47 -7.79
CA PHE A 177 -0.77 5.45 -7.72
C PHE A 177 -0.20 5.59 -6.31
N GLN A 178 -1.09 5.51 -5.31
CA GLN A 178 -0.70 5.59 -3.90
C GLN A 178 0.10 4.38 -3.43
N CYS A 179 -0.09 3.26 -4.12
CA CYS A 179 0.50 1.99 -3.77
C CYS A 179 1.91 1.84 -4.30
N LEU A 180 2.30 2.72 -5.21
CA LEU A 180 3.61 2.71 -5.81
C LEU A 180 4.63 3.47 -4.98
N ASP A 181 5.90 3.11 -5.15
CA ASP A 181 7.03 3.74 -4.46
C ASP A 181 7.45 4.99 -5.22
N ASN A 182 7.32 6.16 -4.58
CA ASN A 182 7.62 7.43 -5.23
C ASN A 182 9.09 7.60 -5.62
N ASN A 183 9.95 6.83 -4.97
CA ASN A 183 11.35 6.71 -5.40
C ASN A 183 11.49 6.13 -6.82
N LYS A 184 10.50 5.33 -7.25
CA LYS A 184 10.47 4.83 -8.62
C LYS A 184 9.58 5.70 -9.49
N VAL A 185 8.45 6.16 -8.95
CA VAL A 185 7.52 7.04 -9.71
C VAL A 185 8.19 8.31 -10.26
N LEU A 186 9.08 8.91 -9.44
CA LEU A 186 9.80 10.13 -9.80
C LEU A 186 10.79 9.97 -10.95
N LYS A 187 11.16 8.74 -11.26
CA LYS A 187 12.03 8.47 -12.41
C LYS A 187 11.26 8.36 -13.73
N THR A 188 9.94 8.34 -13.64
CA THR A 188 9.10 8.34 -14.84
C THR A 188 7.88 9.27 -14.60
N LYS A 189 6.77 9.04 -15.31
CA LYS A 189 5.52 9.74 -15.06
C LYS A 189 4.38 8.95 -15.69
N CYS A 190 3.15 9.20 -15.25
CA CYS A 190 2.00 8.52 -15.85
C CYS A 190 1.93 8.70 -17.36
N LEU A 191 1.39 7.68 -18.03
CA LEU A 191 1.15 7.70 -19.50
C LEU A 191 2.45 7.63 -20.28
N GLN A 192 3.52 7.21 -19.63
CA GLN A 192 4.80 7.08 -20.27
C GLN A 192 5.19 5.62 -20.49
N ASP A 193 5.77 5.33 -21.65
CA ASP A 193 6.24 3.99 -21.95
C ASP A 193 7.20 3.51 -20.86
N ASN A 194 7.10 2.23 -20.52
CA ASN A 194 7.95 1.61 -19.49
C ASN A 194 7.61 1.95 -18.06
N PHE A 195 6.46 2.61 -17.86
CA PHE A 195 6.02 2.97 -16.51
C PHE A 195 5.95 1.75 -15.59
N SER A 196 5.37 0.65 -16.07
CA SER A 196 5.17 -0.52 -15.21
C SER A 196 6.47 -1.29 -14.97
N LYS A 197 7.38 -1.23 -15.94
CA LYS A 197 8.69 -1.86 -15.78
C LYS A 197 9.52 -1.14 -14.72
N ILE A 198 9.52 0.19 -14.74
CA ILE A 198 10.30 1.00 -13.78
C ILE A 198 9.73 0.87 -12.36
N ASN A 199 8.42 0.67 -12.28
CA ASN A 199 7.71 0.57 -10.99
C ASN A 199 7.54 -0.89 -10.50
N ASN A 200 8.13 -1.81 -11.25
CA ASN A 200 8.13 -3.25 -10.94
C ASN A 200 6.72 -3.84 -10.83
N ILE A 201 5.80 -3.31 -11.63
CA ILE A 201 4.40 -3.73 -11.58
C ILE A 201 4.26 -5.02 -12.35
N ASN A 202 3.68 -6.02 -11.70
CA ASN A 202 3.37 -7.27 -12.37
C ASN A 202 1.92 -7.36 -12.82
N LYS A 203 1.02 -6.88 -11.99
CA LYS A 203 -0.40 -7.13 -12.19
C LYS A 203 -1.20 -6.12 -11.37
N ILE A 204 -2.40 -5.81 -11.84
CA ILE A 204 -3.28 -4.85 -11.18
C ILE A 204 -4.62 -5.51 -10.85
N PHE A 205 -5.03 -5.37 -9.59
CA PHE A 205 -6.41 -5.68 -9.20
C PHE A 205 -7.21 -4.40 -9.25
N LEU A 206 -8.16 -4.34 -10.18
CA LEU A 206 -9.00 -3.17 -10.31
C LEU A 206 -10.35 -3.44 -9.65
N CYS A 207 -10.54 -2.89 -8.45
CA CYS A 207 -11.75 -3.13 -7.65
C CYS A 207 -12.96 -2.38 -8.17
N SER A 208 -14.13 -2.97 -7.95
CA SER A 208 -15.39 -2.40 -8.38
C SER A 208 -16.45 -2.60 -7.33
N SER A 209 -17.30 -1.58 -7.17
CA SER A 209 -18.48 -1.68 -6.30
C SER A 209 -19.46 -2.74 -6.80
N GLY A 210 -19.45 -2.95 -8.12
CA GLY A 210 -20.34 -3.95 -8.76
C GLY A 210 -21.64 -3.32 -9.24
N GLY A 211 -21.91 -2.11 -8.74
CA GLY A 211 -23.12 -1.36 -9.05
C GLY A 211 -24.39 -1.98 -8.47
N PRO A 212 -25.54 -1.35 -8.75
CA PRO A 212 -26.83 -1.77 -8.21
C PRO A 212 -27.40 -3.08 -8.78
N PHE A 213 -26.89 -3.57 -9.92
CA PHE A 213 -27.44 -4.76 -10.59
C PHE A 213 -26.63 -6.03 -10.37
N GLN A 214 -25.69 -5.97 -9.45
CA GLN A 214 -24.73 -7.05 -9.25
C GLN A 214 -25.35 -8.41 -8.93
N ASN A 215 -26.45 -8.43 -8.16
CA ASN A 215 -27.08 -9.69 -7.78
C ASN A 215 -28.32 -10.12 -8.57
N LEU A 216 -28.50 -9.54 -9.76
CA LEU A 216 -29.66 -9.88 -10.58
C LEU A 216 -29.36 -11.04 -11.55
N THR A 217 -30.40 -11.80 -11.88
CA THR A 217 -30.31 -12.89 -12.86
C THR A 217 -30.37 -12.29 -14.26
N MET A 218 -30.06 -13.09 -15.28
CA MET A 218 -30.14 -12.66 -16.68
C MET A 218 -31.57 -12.17 -17.01
N ASP A 219 -32.57 -12.89 -16.52
CA ASP A 219 -33.98 -12.54 -16.74
C ASP A 219 -34.38 -11.20 -16.12
N GLU A 220 -33.96 -10.96 -14.89
CA GLU A 220 -34.19 -9.69 -14.19
C GLU A 220 -33.44 -8.53 -14.82
N LEU A 221 -32.21 -8.77 -15.27
CA LEU A 221 -31.42 -7.77 -15.96
C LEU A 221 -32.10 -7.23 -17.22
N LYS A 222 -32.73 -8.15 -17.95
CA LYS A 222 -33.28 -7.91 -19.28
C LYS A 222 -34.39 -6.86 -19.24
N ASN A 223 -34.86 -6.52 -18.04
CA ASN A 223 -35.94 -5.54 -17.85
C ASN A 223 -35.64 -4.40 -16.85
N VAL A 224 -34.40 -4.23 -16.40
CA VAL A 224 -34.06 -3.10 -15.52
C VAL A 224 -34.13 -1.77 -16.26
N THR A 225 -34.39 -0.70 -15.52
CA THR A 225 -34.57 0.62 -16.13
C THR A 225 -33.63 1.63 -15.49
N SER A 226 -33.59 2.83 -16.05
CA SER A 226 -32.72 3.89 -15.56
C SER A 226 -33.06 4.29 -14.13
N GLU A 227 -34.35 4.26 -13.80
CA GLU A 227 -34.83 4.47 -12.44
C GLU A 227 -34.22 3.47 -11.44
N ASN A 228 -34.24 2.18 -11.76
CA ASN A 228 -33.58 1.13 -10.93
C ASN A 228 -32.09 1.40 -10.73
N ALA A 229 -31.45 2.07 -11.69
CA ALA A 229 -30.01 2.26 -11.68
C ALA A 229 -29.58 3.53 -10.95
N LEU A 230 -30.46 4.53 -10.97
CA LEU A 230 -30.16 5.84 -10.42
C LEU A 230 -30.52 6.05 -8.95
N LYS A 231 -31.52 5.31 -8.45
CA LYS A 231 -32.17 5.63 -7.17
C LYS A 231 -31.25 5.80 -5.96
N HIS A 232 -30.25 4.93 -5.82
CA HIS A 232 -29.42 4.98 -4.61
C HIS A 232 -27.96 4.69 -4.81
N PRO A 233 -27.15 5.75 -4.93
CA PRO A 233 -25.70 5.64 -5.05
C PRO A 233 -24.98 5.83 -3.71
N LYS A 234 -23.68 5.52 -3.65
CA LYS A 234 -22.86 5.77 -2.46
C LYS A 234 -22.88 7.27 -2.10
N TRP A 235 -22.70 8.12 -3.11
CA TRP A 235 -22.89 9.57 -2.97
C TRP A 235 -23.38 10.10 -4.28
N LYS A 236 -23.80 11.36 -4.28
CA LYS A 236 -24.21 12.08 -5.48
C LYS A 236 -23.11 12.06 -6.57
N MET A 237 -23.30 11.20 -7.56
CA MET A 237 -22.49 11.18 -8.80
C MET A 237 -23.35 11.66 -9.99
N GLY A 238 -22.70 12.07 -11.07
CA GLY A 238 -23.37 12.43 -12.32
C GLY A 238 -24.20 11.29 -12.87
N LYS A 239 -25.27 11.61 -13.61
CA LYS A 239 -26.20 10.58 -14.13
C LYS A 239 -25.53 9.62 -15.12
N LYS A 240 -24.46 10.09 -15.75
CA LYS A 240 -23.80 9.34 -16.79
C LYS A 240 -22.91 8.26 -16.19
N ILE A 241 -22.12 8.64 -15.20
CA ILE A 241 -21.23 7.69 -14.52
C ILE A 241 -22.01 6.66 -13.67
N THR A 242 -23.17 7.07 -13.15
CA THR A 242 -24.10 6.14 -12.47
C THR A 242 -24.60 5.00 -13.36
N ILE A 243 -25.04 5.34 -14.58
CA ILE A 243 -25.43 4.30 -15.55
C ILE A 243 -24.25 3.41 -15.92
N ASP A 244 -23.07 4.02 -16.13
CA ASP A 244 -21.87 3.26 -16.45
C ASP A 244 -21.49 2.31 -15.34
N SER A 245 -21.75 2.74 -14.11
CA SER A 245 -21.59 1.90 -12.92
C SER A 245 -22.52 0.69 -12.94
N ALA A 246 -23.76 0.93 -13.33
CA ALA A 246 -24.78 -0.12 -13.38
C ALA A 246 -24.50 -1.19 -14.46
N THR A 247 -23.93 -0.76 -15.60
CA THR A 247 -23.62 -1.70 -16.69
C THR A 247 -22.22 -2.26 -16.57
N MET A 248 -21.44 -1.71 -15.63
CA MET A 248 -20.01 -2.00 -15.44
C MET A 248 -19.14 -1.52 -16.62
N MET A 249 -19.72 -0.67 -17.45
CA MET A 249 -18.95 -0.04 -18.51
C MET A 249 -17.94 0.92 -17.89
N ASN A 250 -18.32 1.54 -16.76
CA ASN A 250 -17.36 2.36 -16.03
C ASN A 250 -16.07 1.62 -15.78
N LYS A 251 -16.17 0.36 -15.32
CA LYS A 251 -15.00 -0.46 -15.03
C LYS A 251 -14.26 -0.83 -16.31
N GLY A 252 -15.00 -1.01 -17.40
CA GLY A 252 -14.37 -1.30 -18.69
C GLY A 252 -13.53 -0.13 -19.16
N LEU A 253 -14.09 1.07 -19.01
CA LEU A 253 -13.35 2.29 -19.32
C LEU A 253 -12.12 2.42 -18.42
N GLU A 254 -12.27 2.05 -17.15
CA GLU A 254 -11.20 2.13 -16.17
C GLU A 254 -10.08 1.13 -16.46
N VAL A 255 -10.43 0.02 -17.12
CA VAL A 255 -9.44 -0.96 -17.57
C VAL A 255 -8.49 -0.35 -18.61
N ILE A 256 -9.09 0.30 -19.61
CA ILE A 256 -8.35 1.01 -20.66
C ILE A 256 -7.55 2.17 -20.03
N GLU A 257 -8.20 2.93 -19.14
CA GLU A 257 -7.54 3.99 -18.37
C GLU A 257 -6.29 3.49 -17.63
N THR A 258 -6.40 2.33 -16.97
CA THR A 258 -5.28 1.70 -16.29
C THR A 258 -4.16 1.36 -17.27
N HIS A 259 -4.54 0.85 -18.43
CA HIS A 259 -3.55 0.51 -19.45
C HIS A 259 -2.74 1.70 -19.91
N PHE A 260 -3.41 2.83 -20.13
CA PHE A 260 -2.69 4.03 -20.62
C PHE A 260 -1.88 4.72 -19.52
N LEU A 261 -2.50 4.89 -18.36
CA LEU A 261 -1.85 5.59 -17.25
C LEU A 261 -0.56 4.90 -16.79
N PHE A 262 -0.62 3.57 -16.69
CA PHE A 262 0.46 2.83 -16.05
C PHE A 262 1.21 1.87 -16.97
N ASP A 263 0.85 1.86 -18.27
CA ASP A 263 1.49 0.98 -19.25
C ASP A 263 1.46 -0.50 -18.82
N VAL A 264 0.29 -0.93 -18.37
CA VAL A 264 0.07 -2.31 -17.95
C VAL A 264 -0.69 -3.04 -19.07
N ASP A 265 -0.24 -4.26 -19.40
CA ASP A 265 -0.93 -5.08 -20.42
C ASP A 265 -2.33 -5.48 -19.95
N TYR A 266 -3.25 -5.61 -20.92
CA TYR A 266 -4.64 -6.00 -20.61
C TYR A 266 -4.75 -7.34 -19.91
N ASN A 267 -3.92 -8.31 -20.31
CA ASN A 267 -3.87 -9.62 -19.64
C ASN A 267 -3.39 -9.56 -18.18
N ASP A 268 -2.83 -8.41 -17.78
CA ASP A 268 -2.36 -8.17 -16.43
C ASP A 268 -3.29 -7.24 -15.63
N ILE A 269 -4.49 -6.97 -16.15
CA ILE A 269 -5.50 -6.21 -15.40
C ILE A 269 -6.68 -7.13 -15.07
N GLU A 270 -6.95 -7.34 -13.78
CA GLU A 270 -8.08 -8.18 -13.35
C GLU A 270 -9.10 -7.35 -12.60
N VAL A 271 -10.34 -7.35 -13.09
CA VAL A 271 -11.45 -6.65 -12.43
C VAL A 271 -11.95 -7.56 -11.31
N ILE A 272 -12.15 -6.97 -10.13
CA ILE A 272 -12.61 -7.71 -8.97
C ILE A 272 -13.75 -6.96 -8.28
N VAL A 273 -14.86 -7.65 -8.03
CA VAL A 273 -15.99 -7.02 -7.36
C VAL A 273 -15.78 -7.01 -5.83
N HIS A 274 -15.76 -5.80 -5.28
CA HIS A 274 -15.59 -5.57 -3.85
C HIS A 274 -16.68 -4.65 -3.38
N LYS A 275 -17.81 -5.23 -2.98
CA LYS A 275 -19.01 -4.46 -2.66
C LYS A 275 -18.87 -3.49 -1.49
N GLU A 276 -17.95 -3.75 -0.55
CA GLU A 276 -17.74 -2.84 0.59
C GLU A 276 -17.03 -1.53 0.20
N CYS A 277 -16.31 -1.54 -0.92
CA CYS A 277 -15.60 -0.36 -1.43
C CYS A 277 -14.65 0.25 -0.42
N ILE A 278 -13.96 -0.59 0.36
CA ILE A 278 -12.94 -0.13 1.30
C ILE A 278 -11.55 -0.20 0.64
N ILE A 279 -11.21 -1.37 0.11
CA ILE A 279 -10.05 -1.52 -0.76
C ILE A 279 -10.39 -0.96 -2.15
N HIS A 280 -9.69 0.10 -2.55
CA HIS A 280 -10.00 0.79 -3.80
C HIS A 280 -9.27 0.26 -5.00
N SER A 281 -8.14 -0.40 -4.76
CA SER A 281 -7.42 -1.17 -5.79
C SER A 281 -6.11 -1.68 -5.22
N CYS A 282 -5.51 -2.63 -5.92
CA CYS A 282 -4.30 -3.27 -5.44
C CYS A 282 -3.27 -3.38 -6.55
N VAL A 283 -2.00 -3.37 -6.17
CA VAL A 283 -0.91 -3.53 -7.11
C VAL A 283 -0.10 -4.77 -6.71
N GLU A 284 -0.02 -5.73 -7.62
CA GLU A 284 0.89 -6.86 -7.45
C GLU A 284 2.25 -6.55 -8.12
N PHE A 285 3.32 -6.58 -7.33
CA PHE A 285 4.66 -6.31 -7.86
C PHE A 285 5.35 -7.62 -8.29
N ILE A 286 6.52 -7.49 -8.93
CA ILE A 286 7.18 -8.63 -9.59
C ILE A 286 7.63 -9.73 -8.61
N ASP A 287 7.75 -9.39 -7.33
CA ASP A 287 8.05 -10.40 -6.30
C ASP A 287 6.78 -11.11 -5.78
N LYS A 288 5.62 -10.65 -6.27
CA LYS A 288 4.28 -11.17 -5.93
C LYS A 288 3.68 -10.56 -4.67
N SER A 289 4.42 -9.66 -4.03
CA SER A 289 3.88 -8.94 -2.91
C SER A 289 2.81 -7.99 -3.46
N VAL A 290 1.69 -7.85 -2.74
CA VAL A 290 0.59 -6.98 -3.18
C VAL A 290 0.43 -5.83 -2.19
N ILE A 291 0.29 -4.61 -2.71
CA ILE A 291 0.02 -3.42 -1.91
C ILE A 291 -1.33 -2.87 -2.31
N SER A 292 -2.15 -2.52 -1.33
CA SER A 292 -3.47 -1.96 -1.59
C SER A 292 -3.69 -0.63 -0.85
N GLN A 293 -4.54 0.22 -1.39
CA GLN A 293 -4.92 1.45 -0.69
C GLN A 293 -6.35 1.25 -0.20
N MET A 294 -6.61 1.64 1.05
CA MET A 294 -7.94 1.53 1.67
C MET A 294 -8.43 2.84 2.28
N TYR A 295 -9.75 3.05 2.19
CA TYR A 295 -10.45 4.11 2.93
C TYR A 295 -11.95 3.90 2.71
N TYR A 296 -12.79 4.65 3.43
CA TYR A 296 -14.22 4.71 3.12
C TYR A 296 -14.39 5.22 1.66
N PRO A 297 -15.53 4.88 1.03
CA PRO A 297 -15.86 5.36 -0.31
C PRO A 297 -16.02 6.88 -0.30
N ASP A 298 -15.01 7.63 -0.75
CA ASP A 298 -15.07 9.10 -0.74
C ASP A 298 -14.04 9.59 -1.73
N MET A 299 -14.33 10.71 -2.38
CA MET A 299 -13.44 11.24 -3.41
C MET A 299 -12.43 12.25 -2.87
N GLN A 300 -12.59 12.69 -1.63
CA GLN A 300 -11.69 13.68 -1.04
C GLN A 300 -10.23 13.23 -0.99
N ILE A 301 -10.00 11.97 -0.64
CA ILE A 301 -8.64 11.42 -0.60
C ILE A 301 -7.91 11.44 -1.96
N PRO A 302 -8.49 10.82 -3.00
CA PRO A 302 -7.81 10.85 -4.32
C PRO A 302 -7.64 12.25 -4.91
N ILE A 303 -8.60 13.14 -4.66
CA ILE A 303 -8.42 14.53 -5.08
C ILE A 303 -7.26 15.18 -4.34
N LEU A 304 -7.22 15.00 -3.02
CA LEU A 304 -6.16 15.60 -2.23
C LEU A 304 -4.78 15.10 -2.63
N TYR A 305 -4.64 13.79 -2.82
CA TYR A 305 -3.35 13.21 -3.08
C TYR A 305 -2.81 13.69 -4.42
N SER A 306 -3.70 13.93 -5.39
CA SER A 306 -3.30 14.42 -6.69
C SER A 306 -2.72 15.83 -6.57
N LEU A 307 -3.18 16.57 -5.56
CA LEU A 307 -2.72 17.94 -5.33
C LEU A 307 -1.55 18.04 -4.35
N THR A 308 -1.29 16.97 -3.58
CA THR A 308 -0.20 17.01 -2.59
C THR A 308 1.02 16.19 -3.04
N TRP A 309 0.80 15.27 -3.97
CA TRP A 309 1.84 14.37 -4.50
C TRP A 309 3.08 15.16 -4.87
N PRO A 310 4.29 14.67 -4.48
CA PRO A 310 4.60 13.40 -3.82
C PRO A 310 4.58 13.40 -2.30
N ASP A 311 3.99 14.43 -1.72
CA ASP A 311 3.89 14.55 -0.26
C ASP A 311 2.45 14.21 0.16
N ARG A 312 2.24 14.16 1.48
CA ARG A 312 0.92 14.07 2.09
C ARG A 312 0.77 15.16 3.13
N ILE A 313 -0.45 15.64 3.34
CA ILE A 313 -0.71 16.65 4.36
C ILE A 313 -1.81 16.17 5.29
N LYS A 314 -1.89 16.81 6.46
CA LYS A 314 -2.83 16.42 7.52
C LYS A 314 -4.25 16.78 7.12
N THR A 315 -5.17 15.88 7.41
CA THR A 315 -6.59 16.16 7.32
C THR A 315 -7.29 15.85 8.64
N ASN A 316 -8.52 16.34 8.79
CA ASN A 316 -9.37 15.93 9.91
C ASN A 316 -10.45 14.92 9.51
N LEU A 317 -10.22 14.17 8.43
CA LEU A 317 -11.18 13.16 7.95
C LEU A 317 -11.34 12.04 8.97
N LYS A 318 -12.52 11.42 9.01
CA LYS A 318 -12.83 10.26 9.86
C LYS A 318 -11.84 9.10 9.61
N PRO A 319 -11.18 8.61 10.67
CA PRO A 319 -10.22 7.50 10.46
C PRO A 319 -10.92 6.20 10.13
N LEU A 320 -10.31 5.39 9.29
CA LEU A 320 -10.86 4.10 8.94
C LEU A 320 -10.91 3.23 10.18
N ASP A 321 -12.10 2.71 10.48
CA ASP A 321 -12.27 1.77 11.56
C ASP A 321 -12.49 0.35 10.97
N LEU A 322 -11.39 -0.42 10.85
CA LEU A 322 -11.44 -1.77 10.25
C LEU A 322 -12.27 -2.79 11.03
N ALA A 323 -12.23 -2.71 12.35
CA ALA A 323 -13.01 -3.59 13.22
C ALA A 323 -14.50 -3.33 13.00
N GLN A 324 -14.86 -2.07 12.78
CA GLN A 324 -16.24 -1.68 12.54
C GLN A 324 -16.73 -2.20 11.17
N VAL A 325 -15.91 -2.01 10.15
CA VAL A 325 -16.17 -2.55 8.82
C VAL A 325 -16.34 -4.07 8.88
N SER A 326 -15.43 -4.73 9.61
CA SER A 326 -15.56 -6.13 9.99
C SER A 326 -15.28 -7.15 8.87
N THR A 327 -15.92 -6.98 7.71
CA THR A 327 -15.87 -7.98 6.62
C THR A 327 -15.60 -7.30 5.27
N LEU A 328 -14.64 -7.85 4.51
CA LEU A 328 -14.38 -7.46 3.14
C LEU A 328 -14.52 -8.67 2.20
N THR A 329 -15.27 -8.51 1.11
CA THR A 329 -15.54 -9.62 0.20
C THR A 329 -15.07 -9.33 -1.22
N PHE A 330 -14.72 -10.40 -1.95
CA PHE A 330 -14.19 -10.30 -3.30
C PHE A 330 -14.72 -11.44 -4.16
N HIS A 331 -15.16 -11.10 -5.37
CA HIS A 331 -15.53 -12.11 -6.37
C HIS A 331 -15.35 -11.62 -7.78
N LYS A 332 -15.27 -12.56 -8.71
CA LYS A 332 -15.12 -12.26 -10.12
C LYS A 332 -16.45 -11.75 -10.71
N PRO A 333 -16.40 -10.75 -11.59
CA PRO A 333 -17.63 -10.30 -12.24
C PRO A 333 -18.06 -11.28 -13.34
N SER A 334 -19.37 -11.44 -13.52
CA SER A 334 -19.90 -12.28 -14.59
C SER A 334 -19.94 -11.56 -15.93
N LEU A 335 -19.17 -12.06 -16.89
CA LEU A 335 -19.07 -11.39 -18.19
C LEU A 335 -20.37 -11.52 -18.98
N GLU A 336 -21.14 -12.57 -18.70
CA GLU A 336 -22.45 -12.76 -19.34
C GLU A 336 -23.42 -11.68 -18.84
N HIS A 337 -23.38 -11.37 -17.56
CA HIS A 337 -24.28 -10.37 -16.97
C HIS A 337 -23.82 -8.98 -17.27
N PHE A 338 -22.51 -8.80 -17.42
CA PHE A 338 -21.95 -7.49 -17.74
C PHE A 338 -21.06 -7.51 -18.98
N PRO A 339 -21.68 -7.68 -20.17
CA PRO A 339 -20.95 -7.77 -21.43
C PRO A 339 -20.12 -6.54 -21.76
N CYS A 340 -20.50 -5.36 -21.24
CA CYS A 340 -19.67 -4.16 -21.46
C CYS A 340 -18.20 -4.31 -21.06
N ILE A 341 -17.93 -5.06 -19.99
CA ILE A 341 -16.55 -5.33 -19.56
C ILE A 341 -15.72 -6.03 -20.65
N LYS A 342 -16.27 -7.08 -21.24
CA LYS A 342 -15.56 -7.83 -22.28
C LYS A 342 -15.34 -6.94 -23.51
N LEU A 343 -16.35 -6.16 -23.87
CA LEU A 343 -16.24 -5.27 -25.03
C LEU A 343 -15.10 -4.28 -24.85
N ALA A 344 -14.91 -3.78 -23.63
CA ALA A 344 -13.83 -2.85 -23.35
C ALA A 344 -12.46 -3.51 -23.44
N TYR A 345 -12.31 -4.70 -22.85
CA TYR A 345 -11.09 -5.49 -23.05
C TYR A 345 -10.75 -5.69 -24.53
N GLN A 346 -11.73 -6.16 -25.30
CA GLN A 346 -11.56 -6.41 -26.74
C GLN A 346 -11.14 -5.14 -27.49
N ALA A 347 -11.79 -4.02 -27.18
CA ALA A 347 -11.42 -2.75 -27.83
C ALA A 347 -10.01 -2.31 -27.43
N GLY A 348 -9.69 -2.48 -26.15
CA GLY A 348 -8.36 -2.15 -25.65
C GLY A 348 -7.29 -2.98 -26.29
N ILE A 349 -7.51 -4.31 -26.36
CA ILE A 349 -6.54 -5.24 -26.99
C ILE A 349 -6.32 -4.95 -28.48
N LYS A 350 -7.38 -4.60 -29.19
CA LYS A 350 -7.26 -4.27 -30.60
C LYS A 350 -6.48 -2.96 -30.77
N GLY A 351 -6.66 -2.04 -29.83
CA GLY A 351 -5.88 -0.80 -29.81
C GLY A 351 -6.34 0.14 -30.91
N ASN A 352 -5.41 0.83 -31.56
CA ASN A 352 -5.75 1.79 -32.63
C ASN A 352 -6.81 2.77 -32.09
N PHE A 353 -7.89 3.02 -32.83
CA PHE A 353 -8.91 3.96 -32.37
C PHE A 353 -10.16 3.26 -31.83
N TYR A 354 -10.05 1.95 -31.60
CA TYR A 354 -11.15 1.17 -31.02
C TYR A 354 -11.61 1.65 -29.62
N PRO A 355 -10.68 2.08 -28.74
CA PRO A 355 -11.16 2.70 -27.49
C PRO A 355 -11.90 4.04 -27.72
N THR A 356 -11.49 4.82 -28.71
CA THR A 356 -12.23 6.05 -29.05
C THR A 356 -13.67 5.73 -29.47
N VAL A 357 -13.81 4.70 -30.30
CA VAL A 357 -15.11 4.22 -30.80
C VAL A 357 -15.98 3.69 -29.64
N LEU A 358 -15.35 2.92 -28.76
CA LEU A 358 -16.01 2.37 -27.57
C LEU A 358 -16.61 3.47 -26.71
N ASN A 359 -15.79 4.45 -26.38
CA ASN A 359 -16.25 5.56 -25.57
C ASN A 359 -17.39 6.35 -26.19
N ALA A 360 -17.27 6.65 -27.48
CA ALA A 360 -18.26 7.47 -28.20
C ALA A 360 -19.60 6.77 -28.37
N SER A 361 -19.54 5.48 -28.75
CA SER A 361 -20.76 4.67 -28.87
C SER A 361 -21.45 4.49 -27.52
N ASN A 362 -20.65 4.33 -26.45
CA ASN A 362 -21.20 4.23 -25.11
C ASN A 362 -21.92 5.52 -24.68
N GLU A 363 -21.35 6.67 -24.99
CA GLU A 363 -22.01 7.94 -24.65
C GLU A 363 -23.43 8.01 -25.20
N ILE A 364 -23.61 7.58 -26.45
CA ILE A 364 -24.93 7.54 -27.05
C ILE A 364 -25.85 6.53 -26.36
N ALA A 365 -25.37 5.29 -26.19
CA ALA A 365 -26.17 4.20 -25.64
C ALA A 365 -26.53 4.42 -24.16
N ASN A 366 -25.58 5.00 -23.43
CA ASN A 366 -25.78 5.37 -22.03
C ASN A 366 -26.96 6.35 -21.91
N ASN A 367 -26.94 7.39 -22.74
CA ASN A 367 -28.01 8.38 -22.76
C ASN A 367 -29.35 7.84 -23.25
N LEU A 368 -29.32 6.93 -24.22
CA LEU A 368 -30.55 6.27 -24.70
C LEU A 368 -31.22 5.46 -23.58
N PHE A 369 -30.42 4.75 -22.79
CA PHE A 369 -30.93 3.94 -21.69
C PHE A 369 -31.38 4.84 -20.54
N LEU A 370 -30.65 5.93 -20.32
CA LEU A 370 -31.03 6.95 -19.34
C LEU A 370 -32.44 7.54 -19.63
N ASN A 371 -32.77 7.70 -20.90
CA ASN A 371 -34.07 8.22 -21.30
C ASN A 371 -35.08 7.15 -21.71
N ASN A 372 -34.88 5.93 -21.23
CA ASN A 372 -35.80 4.80 -21.48
C ASN A 372 -36.14 4.52 -22.94
N LYS A 373 -35.14 4.57 -23.82
CA LYS A 373 -35.35 4.34 -25.25
C LYS A 373 -34.90 2.95 -25.67
N ILE A 374 -33.98 2.38 -24.90
CA ILE A 374 -33.44 1.05 -25.18
C ILE A 374 -33.35 0.26 -23.89
N LYS A 375 -33.19 -1.06 -24.02
CA LYS A 375 -33.09 -1.94 -22.88
C LYS A 375 -31.63 -2.10 -22.44
N TYR A 376 -31.44 -2.77 -21.29
CA TYR A 376 -30.14 -2.99 -20.71
C TYR A 376 -29.16 -3.69 -21.67
N PHE A 377 -29.57 -4.80 -22.27
CA PHE A 377 -28.66 -5.54 -23.18
C PHE A 377 -28.47 -4.85 -24.54
N ASP A 378 -29.37 -3.93 -24.87
CA ASP A 378 -29.23 -3.14 -26.09
C ASP A 378 -28.04 -2.17 -26.03
N ILE A 379 -27.64 -1.80 -24.81
CA ILE A 379 -26.47 -0.95 -24.59
C ILE A 379 -25.22 -1.61 -25.16
N SER A 380 -24.88 -2.79 -24.66
CA SER A 380 -23.79 -3.62 -25.21
C SER A 380 -23.99 -3.98 -26.70
N SER A 381 -25.22 -4.25 -27.10
CA SER A 381 -25.47 -4.61 -28.51
C SER A 381 -25.13 -3.44 -29.46
N ILE A 382 -25.56 -2.23 -29.12
CA ILE A 382 -25.24 -1.09 -29.97
C ILE A 382 -23.72 -0.83 -30.04
N ILE A 383 -23.05 -0.91 -28.89
CA ILE A 383 -21.61 -0.68 -28.81
C ILE A 383 -20.83 -1.73 -29.63
N SER A 384 -21.20 -3.00 -29.49
CA SER A 384 -20.61 -4.08 -30.25
C SER A 384 -20.73 -3.84 -31.75
N GLN A 385 -21.94 -3.51 -32.21
CA GLN A 385 -22.18 -3.28 -33.64
C GLN A 385 -21.37 -2.12 -34.21
N VAL A 386 -21.20 -1.05 -33.42
CA VAL A 386 -20.39 0.09 -33.88
C VAL A 386 -18.91 -0.32 -34.00
N LEU A 387 -18.39 -1.00 -32.97
CA LEU A 387 -17.02 -1.51 -32.99
C LEU A 387 -16.75 -2.43 -34.17
N GLU A 388 -17.72 -3.30 -34.47
CA GLU A 388 -17.63 -4.24 -35.59
C GLU A 388 -17.56 -3.52 -36.93
N SER A 389 -18.22 -2.38 -37.01
CA SER A 389 -18.29 -1.63 -38.26
C SER A 389 -17.08 -0.72 -38.47
N PHE A 390 -16.28 -0.53 -37.42
CA PHE A 390 -15.09 0.34 -37.51
C PHE A 390 -13.89 -0.41 -38.10
N ASN A 391 -13.17 0.26 -38.99
CA ASN A 391 -11.92 -0.27 -39.53
C ASN A 391 -10.75 0.57 -39.05
N SER A 392 -9.68 -0.09 -38.63
CA SER A 392 -8.49 0.61 -38.13
C SER A 392 -7.96 1.65 -39.12
N GLN A 393 -7.55 2.79 -38.59
CA GLN A 393 -7.06 3.90 -39.39
C GLN A 393 -5.59 4.14 -39.09
N LYS A 394 -4.86 4.64 -40.09
CA LYS A 394 -3.47 5.03 -39.93
C LYS A 394 -3.41 6.14 -38.88
N VAL A 395 -2.57 5.96 -37.86
CA VAL A 395 -2.46 6.91 -36.77
C VAL A 395 -1.59 8.10 -37.20
N SER A 396 -2.15 9.31 -37.15
CA SER A 396 -1.41 10.52 -37.50
C SER A 396 -0.17 10.72 -36.62
N GLU A 397 0.92 11.07 -37.28
CA GLU A 397 2.24 11.30 -36.67
C GLU A 397 2.25 12.59 -35.83
N ASN A 398 1.56 13.63 -36.31
CA ASN A 398 1.61 14.94 -35.65
C ASN A 398 0.43 15.22 -34.71
N SER A 399 0.70 15.92 -33.61
CA SER A 399 -0.25 16.00 -32.49
C SER A 399 -1.57 16.68 -32.87
N GLU A 400 -1.49 17.78 -33.61
CA GLU A 400 -2.71 18.52 -34.04
C GLU A 400 -3.59 17.70 -34.96
N ASP A 401 -2.97 16.98 -35.89
CA ASP A 401 -3.69 16.11 -36.84
C ASP A 401 -4.24 14.88 -36.14
N LEU A 402 -3.52 14.40 -35.13
CA LEU A 402 -4.00 13.27 -34.33
C LEU A 402 -5.26 13.66 -33.58
N MET A 403 -5.24 14.87 -33.01
CA MET A 403 -6.39 15.36 -32.28
C MET A 403 -7.62 15.48 -33.18
N LYS A 404 -7.44 15.99 -34.40
CA LYS A 404 -8.57 16.10 -35.33
C LYS A 404 -9.08 14.73 -35.76
N GLN A 405 -8.16 13.80 -35.97
CA GLN A 405 -8.52 12.40 -36.26
C GLN A 405 -9.42 11.81 -35.16
N ILE A 406 -9.02 11.98 -33.90
CA ILE A 406 -9.79 11.48 -32.75
C ILE A 406 -11.20 12.08 -32.76
N LEU A 407 -11.27 13.39 -32.96
CA LEU A 407 -12.56 14.10 -33.00
C LEU A 407 -13.49 13.57 -34.08
N GLN A 408 -12.93 13.27 -35.24
CA GLN A 408 -13.71 12.79 -36.38
C GLN A 408 -14.25 11.39 -36.11
N ILE A 409 -13.38 10.53 -35.57
CA ILE A 409 -13.77 9.15 -35.27
C ILE A 409 -14.78 9.14 -34.13
N HIS A 410 -14.57 10.01 -33.14
CA HIS A 410 -15.53 10.23 -32.05
C HIS A 410 -16.90 10.57 -32.58
N SER A 411 -16.93 11.52 -33.51
CA SER A 411 -18.15 12.01 -34.14
C SER A 411 -18.84 10.94 -34.99
N TRP A 412 -18.03 10.26 -35.79
CA TRP A 412 -18.51 9.15 -36.62
C TRP A 412 -19.18 8.06 -35.79
N ALA A 413 -18.54 7.65 -34.70
CA ALA A 413 -19.05 6.57 -33.85
C ALA A 413 -20.36 6.94 -33.12
N LYS A 414 -20.49 8.20 -32.71
CA LYS A 414 -21.75 8.71 -32.15
C LYS A 414 -22.89 8.65 -33.16
N ASP A 415 -22.62 9.09 -34.39
CA ASP A 415 -23.61 9.04 -35.47
C ASP A 415 -23.98 7.61 -35.85
N LYS A 416 -22.98 6.71 -35.91
CA LYS A 416 -23.23 5.31 -36.19
C LYS A 416 -24.11 4.66 -35.10
N ALA A 417 -23.82 4.94 -33.83
CA ALA A 417 -24.63 4.43 -32.73
C ALA A 417 -26.09 4.92 -32.79
N THR A 418 -26.28 6.20 -33.12
CA THR A 418 -27.61 6.78 -33.30
C THR A 418 -28.35 6.15 -34.49
N ASP A 419 -27.61 5.85 -35.55
CA ASP A 419 -28.16 5.24 -36.76
C ASP A 419 -28.64 3.82 -36.55
N ILE A 420 -27.90 3.05 -35.74
CA ILE A 420 -28.28 1.67 -35.41
C ILE A 420 -29.56 1.70 -34.58
N TYR A 421 -29.61 2.64 -33.64
CA TYR A 421 -30.80 2.86 -32.85
C TYR A 421 -32.02 3.21 -33.73
N ASN A 422 -31.80 4.04 -34.75
CA ASN A 422 -32.89 4.48 -35.64
C ASN A 422 -33.42 3.46 -36.63
N LYS A 423 -32.61 2.45 -36.98
CA LYS A 423 -33.09 1.35 -37.79
C LYS A 423 -33.95 0.40 -36.96
N HIS A 424 -34.27 0.84 -35.73
CA HIS A 424 -35.31 0.26 -34.88
C HIS A 424 -36.26 1.37 -34.50
N PRO B 16 25.10 -7.67 -7.67
CA PRO B 16 25.21 -8.90 -6.87
C PRO B 16 25.18 -8.60 -5.36
N ILE B 17 24.25 -9.24 -4.65
CA ILE B 17 24.06 -9.00 -3.21
C ILE B 17 24.72 -10.09 -2.36
N ASN B 18 25.71 -9.70 -1.58
CA ASN B 18 26.49 -10.68 -0.79
C ASN B 18 25.88 -10.81 0.59
N VAL B 19 25.45 -12.02 0.93
CA VAL B 19 24.64 -12.28 2.12
C VAL B 19 25.30 -13.28 3.07
N ALA B 20 25.15 -13.03 4.36
CA ALA B 20 25.47 -14.01 5.40
C ALA B 20 24.17 -14.37 6.14
N ILE B 21 23.97 -15.66 6.43
CA ILE B 21 22.78 -16.12 7.15
C ILE B 21 23.21 -16.62 8.53
N PHE B 22 22.69 -15.97 9.58
CA PHE B 22 22.92 -16.36 10.97
C PHE B 22 21.70 -17.12 11.51
N GLY B 23 21.91 -18.37 11.90
CA GLY B 23 20.80 -19.23 12.30
C GLY B 23 20.16 -19.83 11.05
N SER B 24 21.00 -20.41 10.22
CA SER B 24 20.59 -20.88 8.90
C SER B 24 19.77 -22.18 8.89
N THR B 25 19.91 -22.99 9.95
CA THR B 25 19.15 -24.24 10.08
C THR B 25 17.77 -24.03 10.71
N GLY B 26 17.53 -22.83 11.23
CA GLY B 26 16.23 -22.51 11.86
C GLY B 26 15.12 -22.23 10.87
N SER B 27 13.93 -21.94 11.38
CA SER B 27 12.76 -21.61 10.58
C SER B 27 13.08 -20.43 9.62
N ILE B 28 13.59 -19.33 10.15
CA ILE B 28 13.95 -18.15 9.35
C ILE B 28 15.08 -18.44 8.37
N GLY B 29 16.10 -19.14 8.86
CA GLY B 29 17.28 -19.47 8.06
C GLY B 29 16.97 -20.33 6.86
N THR B 30 16.13 -21.35 7.06
CA THR B 30 15.70 -22.25 5.97
C THR B 30 14.89 -21.53 4.91
N ASN B 31 13.94 -20.68 5.34
CA ASN B 31 13.12 -19.88 4.44
C ASN B 31 13.96 -18.86 3.64
N ALA B 32 15.01 -18.35 4.27
CA ALA B 32 15.93 -17.40 3.64
C ALA B 32 16.69 -18.06 2.49
N LEU B 33 17.23 -19.24 2.74
CA LEU B 33 17.90 -20.02 1.72
C LEU B 33 16.96 -20.51 0.63
N ASN B 34 15.70 -20.78 0.99
CA ASN B 34 14.66 -21.20 0.04
C ASN B 34 14.40 -20.10 -1.00
N ILE B 35 14.22 -18.87 -0.54
CA ILE B 35 13.89 -17.77 -1.46
C ILE B 35 15.13 -17.33 -2.27
N ILE B 36 16.30 -17.41 -1.64
CA ILE B 36 17.55 -17.14 -2.37
C ILE B 36 17.76 -18.16 -3.49
N ARG B 37 17.59 -19.45 -3.18
CA ARG B 37 17.63 -20.51 -4.18
C ARG B 37 16.68 -20.25 -5.36
N GLU B 38 15.42 -19.95 -5.07
CA GLU B 38 14.39 -19.73 -6.10
C GLU B 38 14.72 -18.50 -6.96
N CYS B 39 15.09 -17.41 -6.31
CA CYS B 39 15.41 -16.17 -7.04
C CYS B 39 16.66 -16.30 -7.91
N ASN B 40 17.66 -17.06 -7.44
CA ASN B 40 18.86 -17.34 -8.24
C ASN B 40 18.60 -18.17 -9.49
N LYS B 41 17.48 -18.90 -9.52
CA LYS B 41 17.08 -19.66 -10.72
C LYS B 41 16.60 -18.72 -11.84
N ILE B 42 16.13 -17.54 -11.44
CA ILE B 42 15.63 -16.55 -12.40
C ILE B 42 16.74 -15.61 -12.83
N GLU B 43 17.56 -15.18 -11.87
CA GLU B 43 18.75 -14.38 -12.18
C GLU B 43 19.75 -14.44 -11.03
N ASN B 44 21.05 -14.36 -11.33
CA ASN B 44 22.06 -14.50 -10.28
C ASN B 44 22.16 -13.18 -9.53
N VAL B 45 21.35 -13.07 -8.49
CA VAL B 45 21.26 -11.83 -7.73
C VAL B 45 21.97 -11.97 -6.40
N PHE B 46 21.93 -13.17 -5.81
CA PHE B 46 22.43 -13.39 -4.46
C PHE B 46 23.67 -14.27 -4.42
N ASN B 47 24.58 -13.93 -3.51
CA ASN B 47 25.71 -14.79 -3.20
C ASN B 47 25.74 -15.12 -1.71
N VAL B 48 25.60 -16.40 -1.36
CA VAL B 48 25.63 -16.79 0.05
C VAL B 48 27.08 -16.93 0.50
N LYS B 49 27.51 -15.96 1.31
CA LYS B 49 28.91 -15.82 1.71
C LYS B 49 29.28 -16.48 3.02
N ALA B 50 28.30 -16.63 3.92
CA ALA B 50 28.53 -17.19 5.25
C ALA B 50 27.28 -17.83 5.81
N LEU B 51 27.44 -18.99 6.46
CA LEU B 51 26.37 -19.60 7.26
C LEU B 51 26.82 -19.85 8.72
N TYR B 52 25.91 -19.60 9.67
CA TYR B 52 26.22 -19.68 11.09
C TYR B 52 25.08 -20.40 11.81
N VAL B 53 25.41 -21.44 12.58
CA VAL B 53 24.42 -22.15 13.42
C VAL B 53 24.91 -22.35 14.88
N ASN B 54 24.05 -22.93 15.73
CA ASN B 54 24.41 -23.27 17.11
C ASN B 54 25.10 -24.64 17.23
N LYS B 55 24.33 -25.73 17.14
CA LYS B 55 24.92 -27.06 17.17
C LYS B 55 24.51 -28.02 16.04
N SER B 56 23.62 -27.58 15.15
CA SER B 56 23.16 -28.43 14.03
C SER B 56 24.22 -28.58 12.94
N VAL B 57 25.17 -29.50 13.17
CA VAL B 57 26.31 -29.72 12.27
C VAL B 57 25.92 -30.40 10.96
N ASN B 58 25.11 -31.46 11.08
CA ASN B 58 24.64 -32.23 9.93
C ASN B 58 23.83 -31.37 8.95
N GLU B 59 22.91 -30.58 9.47
CA GLU B 59 22.08 -29.68 8.66
C GLU B 59 22.91 -28.59 7.97
N LEU B 60 23.98 -28.14 8.65
CA LEU B 60 24.88 -27.13 8.10
C LEU B 60 25.74 -27.70 6.97
N TYR B 61 26.20 -28.94 7.14
CA TYR B 61 26.95 -29.64 6.10
C TYR B 61 26.15 -29.75 4.80
N GLU B 62 24.88 -30.09 4.95
CA GLU B 62 23.95 -30.21 3.83
C GLU B 62 23.73 -28.86 3.14
N GLN B 63 23.68 -27.78 3.92
CA GLN B 63 23.53 -26.44 3.35
C GLN B 63 24.81 -25.97 2.64
N ALA B 64 25.96 -26.35 3.19
CA ALA B 64 27.27 -25.96 2.64
C ALA B 64 27.55 -26.64 1.30
N ARG B 65 26.86 -27.76 1.09
CA ARG B 65 26.93 -28.55 -0.14
C ARG B 65 26.40 -27.75 -1.31
N GLU B 66 25.18 -27.23 -1.13
CA GLU B 66 24.43 -26.51 -2.15
C GLU B 66 24.98 -25.11 -2.42
N PHE B 67 25.18 -24.31 -1.37
CA PHE B 67 25.50 -22.89 -1.54
C PHE B 67 26.99 -22.55 -1.54
N LEU B 68 27.80 -23.48 -1.03
CA LEU B 68 29.26 -23.32 -0.94
C LEU B 68 29.71 -21.91 -0.47
N PRO B 69 29.35 -21.55 0.78
CA PRO B 69 29.76 -20.24 1.30
C PRO B 69 31.25 -20.15 1.57
N GLU B 70 31.79 -18.93 1.53
CA GLU B 70 33.19 -18.69 1.89
C GLU B 70 33.46 -18.97 3.37
N TYR B 71 32.47 -18.69 4.23
CA TYR B 71 32.60 -18.88 5.68
C TYR B 71 31.58 -19.88 6.23
N LEU B 72 32.04 -20.77 7.10
CA LEU B 72 31.14 -21.59 7.92
C LEU B 72 31.44 -21.36 9.39
N CYS B 73 30.40 -21.18 10.20
CA CYS B 73 30.60 -20.95 11.63
C CYS B 73 29.57 -21.65 12.53
N ILE B 74 30.07 -22.29 13.60
CA ILE B 74 29.19 -22.88 14.60
C ILE B 74 29.59 -22.39 16.01
N HIS B 75 28.60 -22.18 16.87
CA HIS B 75 28.83 -21.61 18.20
C HIS B 75 29.43 -22.63 19.13
N ASP B 76 28.86 -23.83 19.13
CA ASP B 76 29.31 -24.92 20.00
C ASP B 76 30.66 -25.45 19.54
N LYS B 77 31.70 -25.17 20.33
CA LYS B 77 33.06 -25.60 20.01
C LYS B 77 33.29 -27.12 20.08
N SER B 78 32.40 -27.83 20.79
CA SER B 78 32.54 -29.28 20.99
C SER B 78 32.23 -30.08 19.72
N VAL B 79 31.52 -29.46 18.79
CA VAL B 79 31.20 -30.09 17.50
C VAL B 79 31.98 -29.48 16.34
N TYR B 80 33.05 -28.75 16.67
CA TYR B 80 33.92 -28.07 15.71
C TYR B 80 34.75 -29.07 14.88
N GLU B 81 35.13 -30.18 15.53
CA GLU B 81 35.88 -31.24 14.86
C GLU B 81 35.01 -32.04 13.89
N GLU B 82 33.77 -32.30 14.28
CA GLU B 82 32.83 -33.06 13.46
C GLU B 82 32.52 -32.36 12.14
N LEU B 83 32.45 -31.02 12.18
CA LEU B 83 32.20 -30.22 10.98
C LEU B 83 33.38 -30.22 10.00
N LYS B 84 34.60 -30.19 10.54
CA LYS B 84 35.83 -30.23 9.75
C LYS B 84 35.94 -31.50 8.91
N GLU B 85 35.50 -32.61 9.47
CA GLU B 85 35.57 -33.92 8.82
C GLU B 85 34.54 -34.03 7.69
N LEU B 86 33.37 -33.44 7.92
CA LEU B 86 32.25 -33.51 6.98
C LEU B 86 32.45 -32.62 5.75
N VAL B 87 33.19 -31.54 5.91
CA VAL B 87 33.49 -30.64 4.80
C VAL B 87 34.37 -31.24 3.70
N LYS B 88 35.45 -31.92 4.05
CA LYS B 88 36.57 -32.18 3.14
C LYS B 88 36.21 -32.95 1.85
N ASN B 89 35.35 -33.93 2.00
CA ASN B 89 34.91 -34.71 0.87
C ASN B 89 34.13 -33.89 -0.15
N ILE B 90 33.57 -32.74 0.23
CA ILE B 90 32.97 -31.86 -0.77
C ILE B 90 34.16 -31.41 -1.57
N LYS B 91 34.19 -31.79 -2.81
CA LYS B 91 35.30 -31.49 -3.67
C LYS B 91 35.44 -30.04 -4.06
N ASP B 92 36.66 -29.54 -4.10
CA ASP B 92 37.00 -28.33 -4.82
C ASP B 92 36.64 -27.05 -4.06
N TYR B 93 36.32 -27.24 -2.79
CA TYR B 93 35.86 -26.17 -1.92
C TYR B 93 36.80 -26.06 -0.76
N LYS B 94 37.36 -24.89 -0.50
CA LYS B 94 37.93 -24.67 0.81
C LYS B 94 37.35 -23.45 1.48
N PRO B 95 36.49 -23.70 2.47
CA PRO B 95 35.92 -22.57 3.19
C PRO B 95 36.75 -22.17 4.43
N ILE B 96 36.50 -20.97 4.94
CA ILE B 96 37.09 -20.56 6.21
C ILE B 96 36.15 -20.97 7.33
N ILE B 97 36.52 -22.04 8.03
CA ILE B 97 35.69 -22.60 9.12
C ILE B 97 36.03 -21.93 10.47
N LEU B 98 35.02 -21.32 11.10
CA LEU B 98 35.22 -20.57 12.35
C LEU B 98 34.28 -21.06 13.45
N CYS B 99 34.48 -20.55 14.67
CA CYS B 99 33.66 -20.97 15.81
C CYS B 99 33.38 -19.87 16.85
N GLY B 100 32.27 -20.03 17.58
CA GLY B 100 31.91 -19.18 18.72
C GLY B 100 31.68 -17.73 18.38
N ASP B 101 31.89 -16.87 19.38
CA ASP B 101 31.71 -15.41 19.23
C ASP B 101 32.77 -14.77 18.33
N GLU B 102 34.00 -15.26 18.41
CA GLU B 102 35.09 -14.73 17.58
C GLU B 102 34.90 -14.97 16.07
N GLY B 103 34.36 -16.13 15.70
CA GLY B 103 34.01 -16.43 14.32
C GLY B 103 32.85 -15.57 13.84
N MET B 104 31.89 -15.38 14.73
CA MET B 104 30.77 -14.49 14.49
C MET B 104 31.27 -13.09 14.10
N LYS B 105 32.18 -12.55 14.92
CA LYS B 105 32.76 -11.21 14.71
C LYS B 105 33.54 -11.11 13.40
N GLU B 106 34.24 -12.17 13.03
CA GLU B 106 35.06 -12.14 11.81
C GLU B 106 34.18 -12.08 10.55
N ILE B 107 33.06 -12.79 10.59
CA ILE B 107 32.08 -12.74 9.50
C ILE B 107 31.50 -11.33 9.33
N CYS B 108 31.10 -10.72 10.44
CA CYS B 108 30.55 -9.35 10.43
C CYS B 108 31.54 -8.28 9.99
N SER B 109 32.83 -8.47 10.23
CA SER B 109 33.84 -7.49 9.82
C SER B 109 34.30 -7.66 8.37
N SER B 110 33.95 -8.80 7.76
CA SER B 110 34.34 -9.06 6.37
C SER B 110 33.83 -7.99 5.39
N ASN B 111 34.69 -7.56 4.49
CA ASN B 111 34.30 -6.61 3.45
C ASN B 111 33.58 -7.27 2.28
N SER B 112 33.59 -8.60 2.25
CA SER B 112 32.89 -9.36 1.20
C SER B 112 31.41 -9.62 1.52
N ILE B 113 30.91 -9.02 2.58
CA ILE B 113 29.52 -9.23 3.01
C ILE B 113 28.82 -7.88 3.15
N ASP B 114 27.67 -7.74 2.51
CA ASP B 114 26.89 -6.51 2.60
C ASP B 114 25.66 -6.59 3.52
N LYS B 115 24.96 -7.71 3.49
CA LYS B 115 23.68 -7.86 4.22
C LYS B 115 23.73 -9.11 5.10
N ILE B 116 23.25 -8.97 6.34
CA ILE B 116 23.25 -10.09 7.29
C ILE B 116 21.85 -10.39 7.80
N VAL B 117 21.41 -11.64 7.61
CA VAL B 117 20.10 -12.07 8.07
C VAL B 117 20.31 -12.67 9.45
N ILE B 118 19.63 -12.10 10.44
CA ILE B 118 19.67 -12.59 11.80
C ILE B 118 18.42 -13.43 12.08
N GLY B 119 18.62 -14.75 12.11
CA GLY B 119 17.55 -15.71 12.38
C GLY B 119 17.74 -16.46 13.68
N ILE B 120 18.65 -15.97 14.52
CA ILE B 120 18.83 -16.50 15.88
C ILE B 120 17.66 -16.09 16.77
N ASP B 121 17.09 -17.07 17.47
CA ASP B 121 15.93 -16.83 18.32
C ASP B 121 16.32 -16.29 19.71
N SER B 122 15.32 -15.70 20.38
CA SER B 122 15.38 -15.21 21.77
C SER B 122 16.30 -14.00 21.96
N PHE B 123 16.57 -13.67 23.22
CA PHE B 123 17.46 -12.56 23.59
C PHE B 123 18.88 -12.74 23.05
N GLN B 124 19.27 -14.00 22.86
CA GLN B 124 20.59 -14.39 22.36
C GLN B 124 21.02 -13.67 21.08
N GLY B 125 20.07 -13.43 20.17
CA GLY B 125 20.36 -12.82 18.86
C GLY B 125 20.93 -11.41 18.88
N LEU B 126 20.94 -10.79 20.05
CA LEU B 126 21.39 -9.41 20.19
C LEU B 126 22.89 -9.22 19.88
N TYR B 127 23.70 -10.20 20.27
CA TYR B 127 25.15 -10.14 20.06
C TYR B 127 25.57 -10.02 18.59
N SER B 128 24.98 -10.86 17.73
CA SER B 128 25.26 -10.80 16.31
C SER B 128 24.72 -9.51 15.67
N THR B 129 23.56 -9.05 16.16
CA THR B 129 22.95 -7.81 15.70
C THR B 129 23.88 -6.61 15.92
N MET B 130 24.47 -6.51 17.12
CA MET B 130 25.32 -5.36 17.44
C MET B 130 26.62 -5.32 16.62
N TYR B 131 27.22 -6.48 16.41
CA TYR B 131 28.45 -6.57 15.63
C TYR B 131 28.21 -6.25 14.15
N ALA B 132 27.06 -6.67 13.63
CA ALA B 132 26.63 -6.32 12.28
C ALA B 132 26.44 -4.80 12.14
N ILE B 133 25.83 -4.16 13.14
CA ILE B 133 25.67 -2.69 13.16
C ILE B 133 27.03 -1.98 13.28
N MET B 134 27.90 -2.48 14.16
CA MET B 134 29.23 -1.90 14.38
C MET B 134 30.07 -1.88 13.11
N ASN B 135 29.82 -2.84 12.22
CA ASN B 135 30.52 -2.95 10.96
C ASN B 135 29.74 -2.31 9.79
N ASN B 136 28.75 -1.47 10.12
CA ASN B 136 27.97 -0.70 9.14
C ASN B 136 27.26 -1.52 8.06
N LYS B 137 26.73 -2.68 8.44
CA LYS B 137 26.08 -3.57 7.49
C LYS B 137 24.56 -3.37 7.47
N ILE B 138 23.92 -3.90 6.44
CA ILE B 138 22.48 -3.99 6.42
C ILE B 138 22.11 -5.23 7.22
N VAL B 139 21.27 -5.04 8.23
CA VAL B 139 20.89 -6.14 9.11
C VAL B 139 19.42 -6.48 8.91
N ALA B 140 19.17 -7.64 8.35
CA ALA B 140 17.81 -8.13 8.19
C ALA B 140 17.44 -8.87 9.46
N LEU B 141 16.71 -8.18 10.32
CA LEU B 141 16.51 -8.64 11.69
C LEU B 141 15.12 -9.26 11.85
N ALA B 142 15.09 -10.55 12.14
CA ALA B 142 13.82 -11.25 12.38
C ALA B 142 13.55 -11.35 13.87
N ASN B 143 14.63 -11.37 14.65
CA ASN B 143 14.59 -11.46 16.10
C ASN B 143 13.97 -10.24 16.79
N LYS B 144 12.68 -10.33 17.13
CA LYS B 144 11.95 -9.24 17.81
C LYS B 144 12.42 -9.01 19.27
N GLU B 145 12.89 -10.07 19.90
CA GLU B 145 13.36 -10.01 21.29
C GLU B 145 14.47 -8.98 21.52
N SER B 146 15.38 -8.85 20.55
CA SER B 146 16.48 -7.89 20.66
C SER B 146 15.99 -6.45 20.57
N ILE B 147 15.00 -6.21 19.71
CA ILE B 147 14.39 -4.88 19.62
C ILE B 147 13.62 -4.53 20.90
N VAL B 148 12.88 -5.50 21.44
CA VAL B 148 12.07 -5.27 22.63
C VAL B 148 12.93 -5.06 23.87
N SER B 149 13.93 -5.93 24.11
CA SER B 149 14.78 -5.75 25.31
C SER B 149 15.79 -4.62 25.18
N ALA B 150 16.25 -4.36 23.95
CA ALA B 150 17.38 -3.47 23.76
C ALA B 150 17.15 -2.38 22.71
N GLY B 151 15.90 -1.95 22.57
CA GLY B 151 15.56 -0.89 21.60
C GLY B 151 16.40 0.38 21.72
N PHE B 152 16.60 0.82 22.96
CA PHE B 152 17.34 2.03 23.30
C PHE B 152 18.80 1.89 22.88
N PHE B 153 19.36 0.73 23.19
CA PHE B 153 20.73 0.38 22.84
C PHE B 153 20.93 0.32 21.33
N LEU B 154 20.02 -0.33 20.62
CA LEU B 154 20.13 -0.38 19.16
C LEU B 154 20.04 0.99 18.51
N LYS B 155 19.16 1.84 19.05
CA LYS B 155 18.92 3.21 18.55
C LYS B 155 20.21 4.01 18.72
N LYS B 156 20.87 3.82 19.87
CA LYS B 156 22.10 4.55 20.19
C LYS B 156 23.22 4.09 19.27
N LEU B 157 23.29 2.79 19.04
CA LEU B 157 24.29 2.18 18.19
C LEU B 157 24.12 2.61 16.72
N LEU B 158 22.88 2.72 16.27
CA LEU B 158 22.60 3.12 14.89
C LEU B 158 22.91 4.59 14.67
N ASN B 159 22.94 5.35 15.77
CA ASN B 159 23.32 6.74 15.73
C ASN B 159 24.83 6.92 15.57
N ILE B 160 25.59 6.00 16.15
CA ILE B 160 27.05 5.99 16.06
C ILE B 160 27.50 5.47 14.70
N HIS B 161 26.92 4.36 14.25
CA HIS B 161 27.34 3.74 13.01
C HIS B 161 26.36 4.09 11.93
N LYS B 162 26.61 5.24 11.31
CA LYS B 162 25.62 5.93 10.49
C LYS B 162 25.22 5.20 9.21
N ASN B 163 26.09 4.34 8.71
CA ASN B 163 25.81 3.56 7.50
C ASN B 163 25.08 2.22 7.75
N ALA B 164 25.00 1.82 9.00
CA ALA B 164 24.32 0.59 9.36
C ALA B 164 22.79 0.82 9.33
N LYS B 165 22.06 -0.22 8.95
CA LYS B 165 20.59 -0.15 8.86
C LYS B 165 19.97 -1.47 9.33
N ILE B 166 18.91 -1.35 10.10
CA ILE B 166 18.09 -2.51 10.43
C ILE B 166 16.87 -2.47 9.51
N ILE B 167 16.67 -3.57 8.78
CA ILE B 167 15.49 -3.75 7.94
C ILE B 167 14.66 -4.85 8.57
N PRO B 168 13.40 -4.54 8.93
CA PRO B 168 12.55 -5.51 9.63
C PRO B 168 12.16 -6.70 8.77
N VAL B 169 12.19 -7.88 9.37
CA VAL B 169 11.84 -9.12 8.71
C VAL B 169 10.54 -9.73 9.28
N ASP B 170 10.27 -9.51 10.56
CA ASP B 170 8.99 -9.92 11.15
C ASP B 170 7.89 -9.47 10.17
N SER B 171 7.01 -10.38 9.79
CA SER B 171 6.06 -10.17 8.68
C SER B 171 5.24 -8.90 8.78
N GLU B 172 4.78 -8.57 9.98
CA GLU B 172 3.94 -7.41 10.17
C GLU B 172 4.73 -6.11 9.98
N HIS B 173 5.97 -6.12 10.41
CA HIS B 173 6.80 -4.93 10.37
C HIS B 173 7.39 -4.78 9.01
N SER B 174 7.62 -5.92 8.34
CA SER B 174 7.96 -5.88 6.92
C SER B 174 6.81 -5.30 6.09
N ALA B 175 5.58 -5.71 6.40
CA ALA B 175 4.39 -5.11 5.74
C ALA B 175 4.33 -3.62 5.92
N ILE B 176 4.51 -3.17 7.15
CA ILE B 176 4.53 -1.75 7.45
C ILE B 176 5.59 -1.08 6.58
N PHE B 177 6.76 -1.69 6.54
CA PHE B 177 7.89 -1.08 5.84
C PHE B 177 7.61 -1.00 4.34
N GLN B 178 6.95 -2.03 3.80
CA GLN B 178 6.59 -2.07 2.37
C GLN B 178 5.55 -1.02 1.99
N CYS B 179 4.75 -0.59 2.95
CA CYS B 179 3.67 0.39 2.72
C CYS B 179 4.17 1.82 2.68
N LEU B 180 5.44 2.01 3.03
CA LEU B 180 6.01 3.34 3.14
C LEU B 180 6.65 3.79 1.83
N ASP B 181 6.70 5.10 1.63
CA ASP B 181 7.28 5.69 0.43
C ASP B 181 8.81 5.75 0.59
N ASN B 182 9.55 4.96 -0.20
CA ASN B 182 11.02 4.96 -0.12
C ASN B 182 11.68 6.29 -0.36
N ASN B 183 11.00 7.18 -1.07
CA ASN B 183 11.42 8.57 -1.21
C ASN B 183 11.49 9.29 0.14
N LYS B 184 10.67 8.87 1.10
CA LYS B 184 10.74 9.40 2.47
C LYS B 184 11.62 8.48 3.34
N VAL B 185 11.52 7.17 3.17
CA VAL B 185 12.33 6.23 4.00
C VAL B 185 13.85 6.50 3.88
N LEU B 186 14.31 6.80 2.67
CA LEU B 186 15.73 7.09 2.38
C LEU B 186 16.29 8.35 3.08
N LYS B 187 15.41 9.20 3.60
CA LYS B 187 15.83 10.41 4.32
C LYS B 187 16.05 10.09 5.80
N THR B 188 15.69 8.89 6.20
CA THR B 188 15.88 8.47 7.58
C THR B 188 16.31 6.99 7.60
N LYS B 189 16.04 6.27 8.69
CA LYS B 189 16.16 4.81 8.71
C LYS B 189 15.37 4.30 9.90
N CYS B 190 15.16 2.97 9.95
CA CYS B 190 14.45 2.36 11.09
C CYS B 190 15.16 2.56 12.43
N LEU B 191 14.37 2.75 13.48
CA LEU B 191 14.85 2.91 14.85
C LEU B 191 15.48 4.24 15.09
N GLN B 192 15.08 5.24 14.31
CA GLN B 192 15.53 6.60 14.47
C GLN B 192 14.38 7.48 14.94
N ASP B 193 14.72 8.49 15.76
CA ASP B 193 13.76 9.51 16.17
C ASP B 193 13.22 10.23 14.94
N ASN B 194 11.95 10.65 15.01
CA ASN B 194 11.27 11.33 13.91
C ASN B 194 10.92 10.46 12.70
N PHE B 195 11.13 9.14 12.80
CA PHE B 195 10.80 8.26 11.68
C PHE B 195 9.33 8.42 11.21
N SER B 196 8.39 8.46 12.15
CA SER B 196 6.99 8.56 11.75
C SER B 196 6.59 9.94 11.22
N LYS B 197 7.23 11.00 11.71
CA LYS B 197 7.02 12.35 11.18
C LYS B 197 7.51 12.51 9.75
N ILE B 198 8.70 12.00 9.46
CA ILE B 198 9.28 12.09 8.12
C ILE B 198 8.47 11.26 7.11
N ASN B 199 7.94 10.14 7.58
CA ASN B 199 7.16 9.25 6.74
C ASN B 199 5.65 9.52 6.75
N ASN B 200 5.25 10.62 7.38
CA ASN B 200 3.85 11.02 7.51
C ASN B 200 2.90 9.97 8.09
N ILE B 201 3.39 9.19 9.03
CA ILE B 201 2.61 8.10 9.61
C ILE B 201 1.72 8.66 10.70
N ASN B 202 0.43 8.32 10.66
CA ASN B 202 -0.50 8.74 11.70
C ASN B 202 -0.81 7.62 12.67
N LYS B 203 -0.91 6.40 12.16
CA LYS B 203 -1.47 5.29 12.91
C LYS B 203 -1.07 3.99 12.25
N ILE B 204 -0.95 2.95 13.05
CA ILE B 204 -0.60 1.63 12.54
C ILE B 204 -1.66 0.62 12.94
N PHE B 205 -2.17 -0.14 11.98
CA PHE B 205 -2.97 -1.32 12.24
C PHE B 205 -2.05 -2.53 12.26
N LEU B 206 -1.88 -3.13 13.42
CA LEU B 206 -1.02 -4.31 13.54
C LEU B 206 -1.88 -5.57 13.54
N CYS B 207 -1.88 -6.29 12.41
CA CYS B 207 -2.74 -7.47 12.26
C CYS B 207 -2.23 -8.68 13.01
N SER B 208 -3.16 -9.50 13.48
CA SER B 208 -2.83 -10.71 14.22
C SER B 208 -3.67 -11.87 13.77
N SER B 209 -3.09 -13.07 13.68
CA SER B 209 -3.86 -14.28 13.37
C SER B 209 -4.89 -14.57 14.46
N GLY B 210 -4.59 -14.09 15.67
CA GLY B 210 -5.43 -14.34 16.84
C GLY B 210 -5.03 -15.60 17.60
N GLY B 211 -4.25 -16.46 16.94
CA GLY B 211 -3.76 -17.71 17.54
C GLY B 211 -4.85 -18.74 17.74
N PRO B 212 -4.48 -19.92 18.26
CA PRO B 212 -5.40 -21.06 18.35
C PRO B 212 -6.51 -20.92 19.39
N PHE B 213 -6.33 -20.01 20.34
CA PHE B 213 -7.30 -19.87 21.45
C PHE B 213 -8.30 -18.73 21.26
N GLN B 214 -8.35 -18.17 20.06
CA GLN B 214 -9.10 -16.95 19.81
C GLN B 214 -10.62 -17.05 20.14
N ASN B 215 -11.21 -18.22 19.94
CA ASN B 215 -12.66 -18.38 20.10
C ASN B 215 -13.07 -19.10 21.39
N LEU B 216 -12.15 -19.14 22.36
CA LEU B 216 -12.40 -19.82 23.63
C LEU B 216 -12.95 -18.86 24.68
N THR B 217 -13.79 -19.38 25.57
CA THR B 217 -14.33 -18.60 26.68
C THR B 217 -13.29 -18.47 27.79
N MET B 218 -13.56 -17.60 28.76
CA MET B 218 -12.68 -17.45 29.93
C MET B 218 -12.51 -18.76 30.70
N ASP B 219 -13.58 -19.57 30.77
CA ASP B 219 -13.56 -20.87 31.44
C ASP B 219 -12.70 -21.91 30.73
N GLU B 220 -12.83 -21.95 29.40
CA GLU B 220 -12.05 -22.87 28.57
C GLU B 220 -10.57 -22.48 28.57
N LEU B 221 -10.30 -21.18 28.53
CA LEU B 221 -8.93 -20.66 28.52
C LEU B 221 -8.18 -21.10 29.75
N LYS B 222 -8.89 -21.14 30.86
CA LYS B 222 -8.31 -21.39 32.17
C LYS B 222 -7.78 -22.82 32.35
N ASN B 223 -8.02 -23.67 31.33
CA ASN B 223 -7.55 -25.06 31.32
C ASN B 223 -6.84 -25.54 30.04
N VAL B 224 -6.51 -24.63 29.14
CA VAL B 224 -5.74 -25.01 27.94
C VAL B 224 -4.31 -25.40 28.31
N THR B 225 -3.69 -26.21 27.46
CA THR B 225 -2.33 -26.70 27.71
C THR B 225 -1.42 -26.38 26.52
N SER B 226 -0.15 -26.71 26.66
CA SER B 226 0.84 -26.49 25.60
C SER B 226 0.50 -27.30 24.35
N GLU B 227 0.01 -28.52 24.56
CA GLU B 227 -0.46 -29.38 23.47
C GLU B 227 -1.53 -28.72 22.60
N ASN B 228 -2.56 -28.16 23.26
CA ASN B 228 -3.60 -27.38 22.56
C ASN B 228 -3.07 -26.22 21.75
N ALA B 229 -1.96 -25.64 22.20
CA ALA B 229 -1.38 -24.48 21.52
C ALA B 229 -0.44 -24.87 20.39
N LEU B 230 0.20 -26.04 20.50
CA LEU B 230 1.26 -26.43 19.55
C LEU B 230 0.74 -27.17 18.33
N MET B 237 6.79 -23.10 12.90
CA MET B 237 7.42 -22.08 13.74
C MET B 237 8.05 -22.70 14.98
N GLY B 238 9.00 -21.99 15.58
CA GLY B 238 9.63 -22.42 16.85
C GLY B 238 8.59 -22.57 17.95
N LYS B 239 8.88 -23.45 18.92
CA LYS B 239 7.94 -23.72 20.02
C LYS B 239 7.67 -22.51 20.91
N LYS B 240 8.62 -21.58 20.95
CA LYS B 240 8.53 -20.40 21.79
C LYS B 240 7.54 -19.41 21.18
N ILE B 241 7.69 -19.11 19.89
CA ILE B 241 6.83 -18.11 19.22
C ILE B 241 5.38 -18.62 19.08
N THR B 242 5.24 -19.95 19.09
CA THR B 242 3.93 -20.62 19.01
C THR B 242 3.08 -20.42 20.28
N ILE B 243 3.69 -20.57 21.45
CA ILE B 243 3.03 -20.22 22.73
C ILE B 243 2.73 -18.71 22.82
N ASP B 244 3.67 -17.88 22.37
CA ASP B 244 3.48 -16.43 22.39
C ASP B 244 2.30 -16.05 21.50
N SER B 245 2.10 -16.83 20.44
CA SER B 245 1.00 -16.61 19.51
C SER B 245 -0.33 -16.96 20.20
N ALA B 246 -0.30 -18.00 21.02
CA ALA B 246 -1.50 -18.46 21.70
C ALA B 246 -1.96 -17.47 22.79
N THR B 247 -1.01 -16.86 23.50
CA THR B 247 -1.32 -15.92 24.57
C THR B 247 -1.49 -14.49 24.04
N MET B 248 -1.20 -14.31 22.75
CA MET B 248 -1.10 -13.00 22.12
C MET B 248 -0.01 -12.09 22.73
N MET B 249 0.92 -12.70 23.48
CA MET B 249 2.12 -11.98 23.91
C MET B 249 3.01 -11.63 22.72
N ASN B 250 3.02 -12.47 21.69
CA ASN B 250 3.74 -12.14 20.45
C ASN B 250 3.32 -10.79 19.92
N LYS B 251 2.01 -10.57 19.87
CA LYS B 251 1.49 -9.31 19.36
C LYS B 251 1.83 -8.16 20.31
N GLY B 252 1.87 -8.45 21.61
CA GLY B 252 2.33 -7.47 22.60
C GLY B 252 3.79 -7.05 22.35
N LEU B 253 4.65 -8.04 22.15
CA LEU B 253 6.04 -7.75 21.82
C LEU B 253 6.16 -6.99 20.49
N GLU B 254 5.23 -7.24 19.56
CA GLU B 254 5.31 -6.65 18.24
C GLU B 254 4.83 -5.22 18.28
N VAL B 255 3.99 -4.90 19.27
CA VAL B 255 3.58 -3.51 19.50
C VAL B 255 4.79 -2.65 19.91
N ILE B 256 5.55 -3.12 20.88
CA ILE B 256 6.79 -2.48 21.36
C ILE B 256 7.79 -2.40 20.21
N GLU B 257 7.98 -3.52 19.50
CA GLU B 257 8.80 -3.56 18.30
C GLU B 257 8.42 -2.48 17.28
N THR B 258 7.11 -2.30 17.07
CA THR B 258 6.61 -1.26 16.16
C THR B 258 6.97 0.13 16.65
N HIS B 259 6.82 0.33 17.96
CA HIS B 259 7.21 1.60 18.56
C HIS B 259 8.68 1.93 18.34
N PHE B 260 9.57 0.95 18.52
CA PHE B 260 11.00 1.24 18.38
C PHE B 260 11.43 1.42 16.92
N LEU B 261 10.95 0.53 16.04
CA LEU B 261 11.33 0.56 14.63
C LEU B 261 10.87 1.79 13.92
N PHE B 262 9.65 2.24 14.24
CA PHE B 262 9.02 3.29 13.44
C PHE B 262 8.72 4.58 14.20
N ASP B 263 9.10 4.63 15.47
CA ASP B 263 8.86 5.80 16.33
C ASP B 263 7.37 6.19 16.33
N VAL B 264 6.51 5.19 16.47
CA VAL B 264 5.09 5.42 16.57
C VAL B 264 4.63 5.30 18.03
N ASP B 265 3.84 6.28 18.48
CA ASP B 265 3.30 6.30 19.86
C ASP B 265 2.39 5.11 20.11
N TYR B 266 2.39 4.62 21.34
CA TYR B 266 1.57 3.45 21.69
C TYR B 266 0.07 3.68 21.47
N ASN B 267 -0.39 4.91 21.71
CA ASN B 267 -1.78 5.28 21.49
C ASN B 267 -2.15 5.31 20.00
N ASP B 268 -1.14 5.19 19.14
CA ASP B 268 -1.32 5.17 17.69
C ASP B 268 -1.09 3.78 17.07
N ILE B 269 -0.99 2.77 17.91
CA ILE B 269 -0.88 1.39 17.43
C ILE B 269 -2.11 0.63 17.90
N GLU B 270 -2.85 0.06 16.93
CA GLU B 270 -4.04 -0.74 17.22
C GLU B 270 -3.84 -2.16 16.77
N VAL B 271 -4.02 -3.11 17.69
CA VAL B 271 -3.98 -4.51 17.34
C VAL B 271 -5.34 -4.91 16.76
N ILE B 272 -5.31 -5.59 15.60
CA ILE B 272 -6.53 -6.07 14.94
C ILE B 272 -6.40 -7.56 14.61
N VAL B 273 -7.37 -8.36 15.02
CA VAL B 273 -7.37 -9.78 14.72
C VAL B 273 -7.93 -10.03 13.31
N HIS B 274 -7.08 -10.61 12.47
CA HIS B 274 -7.41 -10.90 11.06
C HIS B 274 -7.05 -12.34 10.84
N LYS B 275 -8.03 -13.23 11.04
CA LYS B 275 -7.77 -14.68 11.01
C LYS B 275 -7.32 -15.29 9.66
N GLU B 276 -7.69 -14.66 8.54
CA GLU B 276 -7.23 -15.12 7.23
C GLU B 276 -5.72 -14.91 6.98
N CYS B 277 -5.11 -13.96 7.69
CA CYS B 277 -3.68 -13.62 7.55
C CYS B 277 -3.27 -13.30 6.12
N ILE B 278 -4.12 -12.57 5.42
CA ILE B 278 -3.80 -12.10 4.07
C ILE B 278 -3.25 -10.69 4.13
N ILE B 279 -3.97 -9.80 4.81
CA ILE B 279 -3.45 -8.47 5.09
C ILE B 279 -2.50 -8.58 6.30
N HIS B 280 -1.24 -8.23 6.13
CA HIS B 280 -0.24 -8.46 7.16
C HIS B 280 -0.04 -7.32 8.10
N SER B 281 -0.41 -6.11 7.65
CA SER B 281 -0.50 -4.91 8.48
C SER B 281 -0.79 -3.72 7.60
N CYS B 282 -1.22 -2.62 8.21
CA CYS B 282 -1.65 -1.43 7.49
C CYS B 282 -1.08 -0.17 8.11
N VAL B 283 -0.88 0.85 7.28
CA VAL B 283 -0.34 2.12 7.74
C VAL B 283 -1.32 3.24 7.38
N GLU B 284 -1.76 3.97 8.39
CA GLU B 284 -2.64 5.12 8.15
C GLU B 284 -1.77 6.36 8.15
N PHE B 285 -1.86 7.13 7.07
CA PHE B 285 -1.04 8.31 6.93
C PHE B 285 -1.81 9.51 7.42
N ILE B 286 -1.12 10.65 7.51
CA ILE B 286 -1.71 11.85 8.14
C ILE B 286 -2.93 12.43 7.39
N ASP B 287 -3.10 12.06 6.12
CA ASP B 287 -4.29 12.44 5.35
C ASP B 287 -5.46 11.46 5.57
N LYS B 288 -5.19 10.40 6.33
CA LYS B 288 -6.15 9.33 6.70
C LYS B 288 -6.26 8.24 5.64
N SER B 289 -5.47 8.36 4.57
CA SER B 289 -5.43 7.28 3.60
C SER B 289 -4.66 6.13 4.25
N VAL B 290 -5.09 4.90 3.98
CA VAL B 290 -4.47 3.71 4.55
C VAL B 290 -3.89 2.85 3.44
N ILE B 291 -2.69 2.33 3.65
CA ILE B 291 -2.01 1.48 2.68
C ILE B 291 -1.69 0.18 3.42
N SER B 292 -1.95 -0.96 2.78
CA SER B 292 -1.69 -2.25 3.43
C SER B 292 -0.92 -3.16 2.49
N GLN B 293 -0.19 -4.11 3.07
CA GLN B 293 0.51 -5.11 2.28
C GLN B 293 -0.24 -6.41 2.44
N MET B 294 -0.44 -7.13 1.34
CA MET B 294 -1.11 -8.43 1.35
C MET B 294 -0.36 -9.52 0.62
N TYR B 295 -0.48 -10.73 1.16
CA TYR B 295 -0.02 -11.94 0.53
C TYR B 295 -0.48 -13.13 1.38
N TYR B 296 -0.33 -14.34 0.85
CA TYR B 296 -0.50 -15.56 1.65
C TYR B 296 0.46 -15.55 2.84
N PRO B 297 0.08 -16.21 3.95
CA PRO B 297 0.94 -16.30 5.13
C PRO B 297 2.23 -17.03 4.76
N ASP B 298 3.31 -16.29 4.56
CA ASP B 298 4.60 -16.87 4.18
C ASP B 298 5.74 -15.92 4.53
N MET B 299 6.89 -16.47 4.92
CA MET B 299 8.00 -15.64 5.36
C MET B 299 9.00 -15.29 4.25
N GLN B 300 8.85 -15.91 3.07
CA GLN B 300 9.77 -15.64 1.95
C GLN B 300 9.71 -14.18 1.46
N ILE B 301 8.51 -13.62 1.43
CA ILE B 301 8.34 -12.22 0.99
C ILE B 301 9.08 -11.25 1.91
N PRO B 302 8.78 -11.25 3.22
CA PRO B 302 9.50 -10.31 4.11
C PRO B 302 11.03 -10.54 4.21
N ILE B 303 11.47 -11.79 4.07
CA ILE B 303 12.90 -12.07 4.04
C ILE B 303 13.51 -11.50 2.76
N LEU B 304 12.84 -11.72 1.63
CA LEU B 304 13.34 -11.22 0.35
C LEU B 304 13.42 -9.71 0.30
N TYR B 305 12.36 -9.04 0.75
CA TYR B 305 12.32 -7.58 0.69
C TYR B 305 13.42 -6.95 1.53
N SER B 306 13.74 -7.57 2.66
CA SER B 306 14.78 -7.02 3.52
C SER B 306 16.14 -7.14 2.82
N LEU B 307 16.25 -8.07 1.89
CA LEU B 307 17.48 -8.23 1.13
C LEU B 307 17.51 -7.48 -0.20
N THR B 308 16.36 -7.01 -0.70
CA THR B 308 16.33 -6.34 -2.00
C THR B 308 16.09 -4.85 -1.85
N TRP B 309 15.52 -4.46 -0.71
CA TRP B 309 15.19 -3.05 -0.42
C TRP B 309 16.36 -2.18 -0.76
N PRO B 310 16.13 -1.03 -1.43
CA PRO B 310 14.83 -0.44 -1.80
C PRO B 310 14.26 -0.88 -3.17
N ASP B 311 14.80 -1.96 -3.72
CA ASP B 311 14.33 -2.50 -4.99
C ASP B 311 13.51 -3.77 -4.74
N ARG B 312 12.86 -4.27 -5.80
CA ARG B 312 12.20 -5.56 -5.79
C ARG B 312 12.72 -6.40 -6.95
N ILE B 313 12.74 -7.72 -6.76
CA ILE B 313 13.19 -8.63 -7.81
C ILE B 313 12.10 -9.68 -8.10
N LYS B 314 12.23 -10.34 -9.25
CA LYS B 314 11.20 -11.23 -9.72
C LYS B 314 11.26 -12.55 -8.94
N THR B 315 10.08 -13.09 -8.60
CA THR B 315 9.99 -14.42 -8.02
C THR B 315 9.01 -15.30 -8.82
N ASN B 316 9.07 -16.59 -8.55
CA ASN B 316 8.11 -17.52 -9.13
C ASN B 316 7.07 -17.97 -8.09
N LEU B 317 6.84 -17.13 -7.09
CA LEU B 317 5.89 -17.47 -6.02
C LEU B 317 4.45 -17.43 -6.53
N LYS B 318 3.61 -18.24 -5.92
CA LYS B 318 2.18 -18.32 -6.28
C LYS B 318 1.53 -16.95 -6.12
N PRO B 319 0.89 -16.44 -7.18
CA PRO B 319 0.21 -15.13 -7.12
C PRO B 319 -1.05 -15.14 -6.24
N LEU B 320 -1.25 -14.07 -5.50
CA LEU B 320 -2.42 -13.92 -4.65
C LEU B 320 -3.71 -13.98 -5.49
N ASP B 321 -4.59 -14.90 -5.11
CA ASP B 321 -5.87 -15.04 -5.77
C ASP B 321 -6.98 -14.51 -4.84
N LEU B 322 -7.32 -13.23 -4.99
CA LEU B 322 -8.28 -12.55 -4.12
C LEU B 322 -9.70 -13.07 -4.22
N ALA B 323 -10.11 -13.44 -5.43
CA ALA B 323 -11.41 -14.06 -5.63
C ALA B 323 -11.52 -15.43 -4.92
N GLN B 324 -10.43 -16.19 -4.92
CA GLN B 324 -10.35 -17.47 -4.23
C GLN B 324 -10.44 -17.28 -2.71
N VAL B 325 -9.66 -16.33 -2.18
CA VAL B 325 -9.68 -16.01 -0.76
C VAL B 325 -11.09 -15.57 -0.34
N SER B 326 -11.69 -14.71 -1.15
CA SER B 326 -13.13 -14.42 -1.08
C SER B 326 -13.54 -13.50 0.07
N THR B 327 -13.09 -13.79 1.30
CA THR B 327 -13.54 -13.09 2.50
C THR B 327 -12.37 -12.74 3.40
N LEU B 328 -12.34 -11.49 3.87
CA LEU B 328 -11.39 -11.04 4.88
C LEU B 328 -12.12 -10.46 6.10
N THR B 329 -11.76 -10.93 7.29
CA THR B 329 -12.43 -10.44 8.51
C THR B 329 -11.50 -9.72 9.49
N PHE B 330 -12.08 -8.81 10.27
CA PHE B 330 -11.36 -7.99 11.24
C PHE B 330 -12.20 -7.75 12.49
N HIS B 331 -11.58 -7.93 13.66
CA HIS B 331 -12.22 -7.62 14.94
C HIS B 331 -11.19 -7.28 16.00
N LYS B 332 -11.63 -6.57 17.03
CA LYS B 332 -10.76 -6.20 18.17
C LYS B 332 -10.48 -7.42 19.05
N PRO B 333 -9.23 -7.53 19.56
CA PRO B 333 -8.93 -8.58 20.51
C PRO B 333 -9.55 -8.27 21.89
N SER B 334 -9.98 -9.31 22.59
CA SER B 334 -10.47 -9.16 23.96
C SER B 334 -9.31 -9.11 24.97
N LEU B 335 -9.12 -7.97 25.62
CA LEU B 335 -8.02 -7.80 26.58
C LEU B 335 -8.21 -8.63 27.84
N GLU B 336 -9.47 -8.96 28.14
CA GLU B 336 -9.77 -9.89 29.25
C GLU B 336 -9.27 -11.33 28.97
N HIS B 337 -9.42 -11.77 27.73
CA HIS B 337 -9.05 -13.11 27.32
C HIS B 337 -7.58 -13.17 27.03
N PHE B 338 -7.01 -12.04 26.66
CA PHE B 338 -5.57 -11.94 26.34
C PHE B 338 -4.92 -10.79 27.10
N PRO B 339 -4.76 -10.96 28.44
CA PRO B 339 -4.15 -9.94 29.30
C PRO B 339 -2.70 -9.57 28.94
N CYS B 340 -1.94 -10.48 28.31
CA CYS B 340 -0.58 -10.18 27.83
C CYS B 340 -0.45 -8.93 26.94
N ILE B 341 -1.47 -8.68 26.13
CA ILE B 341 -1.50 -7.53 25.26
C ILE B 341 -1.47 -6.22 26.06
N LYS B 342 -2.33 -6.14 27.07
CA LYS B 342 -2.40 -4.96 27.90
C LYS B 342 -1.11 -4.75 28.70
N LEU B 343 -0.54 -5.83 29.23
CA LEU B 343 0.73 -5.77 29.95
C LEU B 343 1.85 -5.20 29.10
N ALA B 344 1.86 -5.56 27.81
CA ALA B 344 2.90 -5.08 26.92
C ALA B 344 2.74 -3.60 26.64
N TYR B 345 1.50 -3.14 26.41
CA TYR B 345 1.22 -1.69 26.24
C TYR B 345 1.68 -0.91 27.47
N GLN B 346 1.25 -1.37 28.64
CA GLN B 346 1.64 -0.75 29.92
C GLN B 346 3.16 -0.66 30.12
N ALA B 347 3.90 -1.72 29.76
CA ALA B 347 5.36 -1.73 29.92
C ALA B 347 5.99 -0.81 28.89
N GLY B 348 5.42 -0.82 27.68
CA GLY B 348 5.86 0.07 26.62
C GLY B 348 5.67 1.55 26.97
N ILE B 349 4.48 1.90 27.47
CA ILE B 349 4.15 3.27 27.86
C ILE B 349 5.03 3.78 29.03
N LYS B 350 5.26 2.91 30.01
CA LYS B 350 6.15 3.24 31.11
C LYS B 350 7.58 3.50 30.62
N GLY B 351 8.00 2.77 29.58
CA GLY B 351 9.30 2.98 28.98
C GLY B 351 10.40 2.44 29.87
N ASN B 352 11.51 3.19 29.96
CA ASN B 352 12.68 2.78 30.76
C ASN B 352 13.03 1.31 30.43
N PHE B 353 13.27 0.47 31.42
CA PHE B 353 13.65 -0.92 31.14
C PHE B 353 12.49 -1.91 31.30
N TYR B 354 11.28 -1.38 31.44
CA TYR B 354 10.10 -2.21 31.57
C TYR B 354 9.88 -3.19 30.38
N PRO B 355 10.16 -2.76 29.12
CA PRO B 355 10.07 -3.75 28.05
C PRO B 355 11.11 -4.90 28.19
N THR B 356 12.32 -4.59 28.67
CA THR B 356 13.34 -5.62 28.94
C THR B 356 12.80 -6.63 29.97
N VAL B 357 12.18 -6.09 31.00
CA VAL B 357 11.59 -6.90 32.07
C VAL B 357 10.45 -7.76 31.55
N LEU B 358 9.59 -7.16 30.74
CA LEU B 358 8.47 -7.85 30.10
C LEU B 358 8.95 -9.05 29.31
N ASN B 359 9.94 -8.82 28.45
CA ASN B 359 10.47 -9.87 27.60
C ASN B 359 11.12 -11.00 28.40
N ALA B 360 11.96 -10.66 29.39
CA ALA B 360 12.65 -11.65 30.22
C ALA B 360 11.69 -12.51 31.06
N SER B 361 10.70 -11.85 31.68
CA SER B 361 9.73 -12.57 32.50
C SER B 361 8.82 -13.46 31.66
N ASN B 362 8.51 -12.98 30.45
CA ASN B 362 7.79 -13.81 29.48
C ASN B 362 8.53 -15.07 29.05
N GLU B 363 9.83 -14.97 28.77
CA GLU B 363 10.67 -16.13 28.39
C GLU B 363 10.55 -17.26 29.41
N ILE B 364 10.58 -16.91 30.69
CA ILE B 364 10.46 -17.90 31.77
C ILE B 364 9.04 -18.48 31.82
N ALA B 365 8.05 -17.59 31.85
CA ALA B 365 6.64 -18.00 31.93
C ALA B 365 6.14 -18.77 30.70
N ASN B 366 6.64 -18.42 29.52
CA ASN B 366 6.40 -19.16 28.27
C ASN B 366 6.91 -20.61 28.41
N ASN B 367 8.14 -20.77 28.89
CA ASN B 367 8.76 -22.09 29.01
C ASN B 367 8.08 -22.96 30.07
N LEU B 368 7.67 -22.33 31.18
CA LEU B 368 6.95 -23.01 32.25
C LEU B 368 5.60 -23.55 31.74
N PHE B 369 4.92 -22.77 30.92
CA PHE B 369 3.66 -23.22 30.32
C PHE B 369 3.90 -24.29 29.25
N LEU B 370 4.97 -24.15 28.47
CA LEU B 370 5.40 -25.14 27.49
C LEU B 370 5.63 -26.51 28.12
N ASN B 371 6.17 -26.53 29.35
CA ASN B 371 6.45 -27.78 30.08
C ASN B 371 5.38 -28.15 31.11
N ASN B 372 4.17 -27.60 30.94
CA ASN B 372 3.02 -27.91 31.80
C ASN B 372 3.24 -27.69 33.31
N LYS B 373 3.89 -26.59 33.67
CA LYS B 373 4.21 -26.29 35.07
C LYS B 373 3.25 -25.24 35.64
N ILE B 374 2.72 -24.40 34.76
CA ILE B 374 1.77 -23.36 35.15
C ILE B 374 0.58 -23.34 34.19
N LYS B 375 -0.46 -22.62 34.57
CA LYS B 375 -1.67 -22.50 33.77
C LYS B 375 -1.60 -21.28 32.86
N TYR B 376 -2.57 -21.15 31.97
CA TYR B 376 -2.62 -20.08 30.99
C TYR B 376 -2.65 -18.69 31.64
N PHE B 377 -3.51 -18.49 32.63
CA PHE B 377 -3.58 -17.17 33.27
C PHE B 377 -2.44 -16.89 34.25
N ASP B 378 -1.69 -17.93 34.60
CA ASP B 378 -0.49 -17.80 35.41
C ASP B 378 0.64 -17.11 34.65
N ILE B 379 0.61 -17.18 33.31
CA ILE B 379 1.64 -16.57 32.46
C ILE B 379 1.62 -15.04 32.67
N SER B 380 0.47 -14.43 32.39
CA SER B 380 0.27 -12.99 32.61
C SER B 380 0.39 -12.59 34.08
N SER B 381 0.01 -13.49 34.98
CA SER B 381 0.16 -13.22 36.41
C SER B 381 1.61 -13.11 36.86
N ILE B 382 2.46 -14.07 36.47
CA ILE B 382 3.89 -13.95 36.76
C ILE B 382 4.50 -12.67 36.15
N ILE B 383 4.19 -12.39 34.88
CA ILE B 383 4.77 -11.23 34.19
C ILE B 383 4.38 -9.93 34.90
N SER B 384 3.11 -9.81 35.26
CA SER B 384 2.63 -8.64 35.98
C SER B 384 3.35 -8.42 37.32
N GLN B 385 3.55 -9.49 38.07
CA GLN B 385 4.25 -9.41 39.36
C GLN B 385 5.71 -8.96 39.22
N VAL B 386 6.39 -9.46 38.20
CA VAL B 386 7.80 -9.07 37.96
C VAL B 386 7.88 -7.59 37.61
N LEU B 387 6.99 -7.16 36.70
CA LEU B 387 6.90 -5.76 36.29
C LEU B 387 6.61 -4.83 37.47
N GLU B 388 5.69 -5.24 38.33
CA GLU B 388 5.34 -4.48 39.54
C GLU B 388 6.53 -4.33 40.49
N SER B 389 7.37 -5.37 40.57
CA SER B 389 8.50 -5.36 41.48
C SER B 389 9.71 -4.58 40.94
N PHE B 390 9.76 -4.34 39.63
CA PHE B 390 10.84 -3.56 39.02
C PHE B 390 10.73 -2.05 39.29
N ASN B 391 11.88 -1.42 39.59
CA ASN B 391 11.93 0.03 39.75
C ASN B 391 12.81 0.62 38.69
N SER B 392 12.34 1.69 38.05
CA SER B 392 13.09 2.32 36.96
C SER B 392 14.54 2.65 37.36
N GLN B 393 15.44 2.51 36.40
CA GLN B 393 16.85 2.74 36.63
C GLN B 393 17.33 3.89 35.77
N LYS B 394 18.35 4.58 36.24
CA LYS B 394 19.04 5.59 35.44
C LYS B 394 19.60 4.93 34.19
N VAL B 395 19.29 5.51 33.03
CA VAL B 395 19.72 4.93 31.76
C VAL B 395 21.17 5.34 31.50
N SER B 396 22.05 4.36 31.37
CA SER B 396 23.47 4.63 31.09
C SER B 396 23.66 5.35 29.78
N GLU B 397 24.47 6.41 29.83
CA GLU B 397 24.85 7.28 28.70
C GLU B 397 25.67 6.55 27.64
N ASN B 398 26.56 5.66 28.06
CA ASN B 398 27.50 5.05 27.13
C ASN B 398 27.10 3.62 26.75
N SER B 399 27.41 3.26 25.50
CA SER B 399 26.79 2.11 24.85
C SER B 399 27.17 0.77 25.49
N GLU B 400 28.43 0.62 25.89
CA GLU B 400 28.90 -0.62 26.50
C GLU B 400 28.28 -0.83 27.88
N ASP B 401 28.18 0.25 28.64
CA ASP B 401 27.54 0.26 29.95
C ASP B 401 26.01 0.05 29.85
N LEU B 402 25.39 0.64 28.83
CA LEU B 402 23.98 0.41 28.55
C LEU B 402 23.70 -1.08 28.24
N MET B 403 24.57 -1.69 27.45
CA MET B 403 24.43 -3.09 27.11
C MET B 403 24.52 -3.99 28.34
N LYS B 404 25.43 -3.66 29.25
CA LYS B 404 25.59 -4.47 30.45
C LYS B 404 24.39 -4.30 31.36
N GLN B 405 23.87 -3.08 31.42
CA GLN B 405 22.66 -2.76 32.18
C GLN B 405 21.48 -3.61 31.72
N ILE B 406 21.22 -3.60 30.42
CA ILE B 406 20.19 -4.45 29.80
C ILE B 406 20.37 -5.93 30.16
N LEU B 407 21.61 -6.45 30.06
CA LEU B 407 21.89 -7.85 30.43
C LEU B 407 21.56 -8.18 31.88
N GLN B 408 21.94 -7.28 32.80
CA GLN B 408 21.69 -7.49 34.23
C GLN B 408 20.19 -7.45 34.56
N ILE B 409 19.48 -6.49 33.98
CA ILE B 409 18.04 -6.35 34.20
C ILE B 409 17.29 -7.53 33.59
N HIS B 410 17.71 -7.94 32.40
CA HIS B 410 17.25 -9.20 31.78
C HIS B 410 17.43 -10.40 32.69
N SER B 411 18.62 -10.54 33.24
CA SER B 411 18.97 -11.65 34.15
C SER B 411 18.14 -11.62 35.45
N TRP B 412 18.04 -10.42 36.03
CA TRP B 412 17.26 -10.21 37.25
C TRP B 412 15.82 -10.60 37.09
N ALA B 413 15.20 -10.16 35.99
CA ALA B 413 13.79 -10.45 35.72
C ALA B 413 13.49 -11.94 35.50
N LYS B 414 14.39 -12.66 34.81
CA LYS B 414 14.30 -14.12 34.70
C LYS B 414 14.31 -14.80 36.07
N ASP B 415 15.25 -14.38 36.92
CA ASP B 415 15.39 -14.92 38.27
C ASP B 415 14.16 -14.60 39.11
N LYS B 416 13.68 -13.36 39.01
CA LYS B 416 12.48 -12.96 39.73
C LYS B 416 11.27 -13.78 39.31
N ALA B 417 11.11 -14.00 38.02
CA ALA B 417 10.00 -14.81 37.50
C ALA B 417 10.07 -16.27 38.00
N THR B 418 11.27 -16.83 38.02
CA THR B 418 11.49 -18.18 38.53
C THR B 418 11.17 -18.25 40.04
N ASP B 419 11.49 -17.19 40.77
CA ASP B 419 11.28 -17.12 42.21
C ASP B 419 9.79 -17.05 42.58
N ILE B 420 9.02 -16.32 41.79
CA ILE B 420 7.58 -16.23 41.97
C ILE B 420 6.93 -17.58 41.71
N TYR B 421 7.37 -18.26 40.66
CA TYR B 421 6.97 -19.63 40.40
C TYR B 421 7.29 -20.58 41.56
N ASN B 422 8.48 -20.45 42.15
CA ASN B 422 8.95 -21.36 43.21
C ASN B 422 8.26 -21.17 44.57
N LYS B 423 7.73 -19.97 44.80
CA LYS B 423 6.94 -19.71 46.00
C LYS B 423 5.52 -20.23 45.78
MN MN3 C . -13.43 5.04 -10.62
PA NAP D . -20.89 16.18 -13.04
O1A NAP D . -21.23 15.92 -11.50
O2A NAP D . -22.16 16.20 -13.84
O5B NAP D . -20.11 17.65 -13.22
C5B NAP D . -19.58 18.12 -14.55
C4B NAP D . -18.86 19.55 -14.36
O4B NAP D . -18.24 19.91 -15.66
C3B NAP D . -19.88 20.70 -14.02
O3B NAP D . -19.23 21.65 -13.15
C2B NAP D . -20.13 21.34 -15.45
O2B NAP D . -20.53 22.69 -15.39
C1B NAP D . -18.71 21.20 -16.07
N9A NAP D . -18.75 21.30 -17.61
C8A NAP D . -19.39 20.46 -18.48
N7A NAP D . -19.10 20.78 -19.71
C5A NAP D . -18.27 21.86 -19.77
C6A NAP D . -17.67 22.56 -20.83
N6A NAP D . -17.90 22.21 -22.16
N1A NAP D . -16.89 23.61 -20.46
C2A NAP D . -16.70 23.97 -19.14
N3A NAP D . -17.26 23.28 -18.11
C4A NAP D . -18.04 22.23 -18.44
O3 NAP D . -19.92 15.00 -13.61
PN NAP D . -19.01 14.27 -12.45
O1N NAP D . -19.79 13.16 -11.80
O2N NAP D . -18.49 15.28 -11.32
O5D NAP D . -17.73 13.67 -13.18
C5D NAP D . -16.60 14.45 -13.53
C4D NAP D . -15.55 13.56 -14.22
O4D NAP D . -14.91 12.83 -13.21
C3D NAP D . -16.16 12.54 -15.14
O3D NAP D . -15.17 12.12 -16.10
C2D NAP D . -16.46 11.43 -14.22
O2D NAP D . -16.70 10.23 -14.99
C1D NAP D . -15.19 11.38 -13.37
N1N NAP D . -15.17 10.86 -12.19
C2N NAP D . -16.12 11.26 -11.32
C3N NAP D . -16.32 10.72 -10.16
C7N NAP D . -17.43 11.14 -9.26
O7N NAP D . -17.35 10.78 -8.09
N7N NAP D . -18.48 11.86 -9.69
C4N NAP D . -15.42 9.61 -9.69
C5N NAP D . -14.37 9.30 -10.72
C6N NAP D . -14.32 9.94 -11.86
P2B NAP D . -22.02 23.13 -14.91
O1X NAP D . -23.10 22.35 -15.77
O2X NAP D . -22.18 22.80 -13.48
O3X NAP D . -22.18 24.71 -15.13
C2 1UQ E . -15.90 5.78 -9.58
O4 1UQ E . -13.66 5.92 -8.79
C5 1UQ E . -15.45 6.57 -7.26
C6 1UQ E . -17.47 5.92 -9.40
C19 1UQ E . -17.84 3.54 -5.00
C15 1UQ E . -18.94 3.72 -5.84
C14 1UQ E . -18.79 3.59 -7.21
C17 1UQ E . -16.58 3.28 -5.55
C16 1UQ E . -16.45 3.04 -6.90
C13 1UQ E . -17.53 3.25 -7.77
C8 1UQ E . -17.37 3.07 -9.25
P9 1UQ E . -17.86 1.44 -9.83
O12 1UQ E . -19.36 1.06 -9.50
O11 1UQ E . -17.68 1.42 -11.31
O10 1UQ E . -16.92 0.40 -9.23
S7 1UQ E . -18.33 4.37 -10.11
O1 1UQ E . -15.49 5.43 -10.68
N3 1UQ E . -15.00 6.07 -8.56
MN MN3 F . 5.17 -11.34 13.55
C2 1UQ G . 4.55 -14.09 13.38
O4 1UQ G . 5.35 -12.49 11.84
C5 1UQ G . 4.43 -14.59 10.96
C6 1UQ G . 4.13 -15.53 13.78
C19 1UQ G . 0.31 -16.25 10.63
C15 1UQ G . 0.17 -16.90 11.85
C14 1UQ G . 0.59 -16.28 13.03
C17 1UQ G . 0.73 -14.91 10.59
C16 1UQ G . 1.09 -14.25 11.78
C13 1UQ G . 1.09 -14.96 13.01
C8 1UQ G . 1.60 -14.31 14.28
P9 1UQ G . 0.28 -13.83 15.41
O12 1UQ G . -0.62 -15.06 15.89
O11 1UQ G . -0.57 -12.79 14.76
O10 1UQ G . 0.92 -13.22 16.62
S7 1UQ G . 2.80 -15.44 15.10
O1 1UQ G . 4.72 -13.28 14.30
N3 1UQ G . 4.77 -13.72 12.08
#